data_2WJ1
#
_entry.id   2WJ1
#
_cell.length_a   75.830
_cell.length_b   106.210
_cell.length_c   79.390
_cell.angle_alpha   90.00
_cell.angle_beta   100.20
_cell.angle_gamma   90.00
#
_symmetry.space_group_name_H-M   'P 1 21 1'
#
loop_
_entity.id
_entity.type
_entity.pdbx_description
1 polymer 'FATTY-ACID AMIDE HYDROLASE 1'
2 non-polymer 7-phenyl-1-(4-pyridin-2-yl-1,3-oxazol-2-yl)heptane-1,1-diol
3 non-polymer 'CHLORIDE ION'
4 water water
#
_entity_poly.entity_id   1
_entity_poly.type   'polypeptide(L)'
_entity_poly.pdbx_seq_one_letter_code
;MGSSHHHHHHSSGLVPRGSHMASRWTGRQKARGAATRARQKQRASLETMDKAVQRFRLQNPDLDSEALLTLPLLQLVQKL
QSGELSPEAVFFTYLGKAWEVNKGTNCVTSYLTDCETQLSQAPRQGLLYGVPVSLKECFSYKGHDSTLGLSLNEGMPSES
DCVVVQVLKLQGAVPFVHTNVPQSMFSYDCSNPLFGQTMNPWKSSKSPGGSSGGEGALIGSGGSPLGLGTDIGGSIRFPS
AFCGICGLKPTGNRLSKSGLKGCVYGQTAVQLSLGPMARDVESLALCLKALLCEHLFTLDPTVPPLPFREEVYRSSRPLR
VGYYETDNYTMPSPAMRRALIETKQRLEAAGHTLIPFLPNNIPYALEVLSTGGLFSDGGRSFLQNFKGDFVDPCLGDLIL
ILRLPSWFKRLLSLLLKPLFPRLAAFLNNMRPRSAEKLWKLQHEIEMYRQSVIAQWKAMNLDVLLTPMLGPALDLNTPGR
ATGAVSYTMLYNCLDFPAGVVPVTTVTAEDDAQMELYKGYFGDIWDIILKKAMKNSVGLPVAVQCVALPWQEELCLRFMR
EVEQLMTPQKQPS
;
_entity_poly.pdbx_strand_id   A,B
#
# COMPACT_ATOMS: atom_id res chain seq x y z
N ARG A 28 6.65 -33.23 -24.01
CA ARG A 28 7.48 -32.68 -22.89
C ARG A 28 8.94 -32.51 -23.27
N GLN A 29 9.23 -32.49 -24.57
CA GLN A 29 10.61 -32.45 -25.04
C GLN A 29 11.35 -31.20 -24.52
N LYS A 30 10.70 -30.04 -24.64
CA LYS A 30 11.27 -28.78 -24.14
C LYS A 30 11.55 -28.88 -22.64
N ALA A 31 10.59 -29.44 -21.90
CA ALA A 31 10.68 -29.57 -20.45
C ALA A 31 11.81 -30.51 -20.02
N ARG A 32 11.96 -31.61 -20.75
CA ARG A 32 13.07 -32.56 -20.49
C ARG A 32 14.43 -31.90 -20.76
N GLY A 33 14.51 -31.20 -21.89
CA GLY A 33 15.72 -30.48 -22.24
C GLY A 33 16.07 -29.43 -21.21
N ALA A 34 15.04 -28.74 -20.72
CA ALA A 34 15.23 -27.74 -19.67
C ALA A 34 15.75 -28.39 -18.39
N ALA A 35 15.18 -29.54 -18.01
CA ALA A 35 15.65 -30.24 -16.80
C ALA A 35 17.11 -30.69 -16.96
N THR A 36 17.46 -31.16 -18.16
CA THR A 36 18.83 -31.56 -18.44
C THR A 36 19.80 -30.39 -18.28
N ARG A 37 19.44 -29.24 -18.85
CA ARG A 37 20.32 -28.07 -18.84
C ARG A 37 20.44 -27.47 -17.43
N ALA A 38 19.36 -27.50 -16.66
CA ALA A 38 19.39 -27.02 -15.28
C ALA A 38 20.26 -27.93 -14.37
N ARG A 39 20.15 -29.23 -14.55
CA ARG A 39 20.93 -30.19 -13.77
C ARG A 39 22.42 -30.04 -14.09
N GLN A 40 22.74 -29.87 -15.38
CA GLN A 40 24.10 -29.59 -15.81
C GLN A 40 24.62 -28.31 -15.16
N LYS A 41 23.80 -27.25 -15.13
CA LYS A 41 24.24 -25.99 -14.56
C LYS A 41 24.46 -26.13 -13.06
N GLN A 42 23.59 -26.86 -12.37
CA GLN A 42 23.73 -27.08 -10.93
C GLN A 42 25.02 -27.85 -10.59
N ARG A 43 25.26 -28.89 -11.36
CA ARG A 43 26.43 -29.73 -11.19
C ARG A 43 27.71 -28.92 -11.35
N ALA A 44 27.75 -28.10 -12.40
CA ALA A 44 28.92 -27.27 -12.69
C ALA A 44 29.15 -26.19 -11.63
N SER A 45 28.05 -25.60 -11.15
CA SER A 45 28.06 -24.67 -10.01
C SER A 45 28.71 -25.27 -8.77
N LEU A 46 28.25 -26.45 -8.39
CA LEU A 46 28.76 -27.14 -7.19
C LEU A 46 30.23 -27.53 -7.34
N GLU A 47 30.61 -27.92 -8.55
CA GLU A 47 32.01 -28.13 -8.88
C GLU A 47 32.85 -26.86 -8.69
N THR A 48 32.33 -25.72 -9.16
CA THR A 48 33.05 -24.44 -9.06
C THR A 48 33.26 -24.06 -7.60
N MET A 49 32.24 -24.29 -6.79
CA MET A 49 32.30 -24.06 -5.34
C MET A 49 33.37 -24.89 -4.68
N ASP A 50 33.36 -26.18 -4.99
CA ASP A 50 34.33 -27.12 -4.43
C ASP A 50 35.76 -26.70 -4.78
N LYS A 51 36.00 -26.39 -6.05
CA LYS A 51 37.32 -25.96 -6.50
C LYS A 51 37.79 -24.69 -5.79
N ALA A 52 36.89 -23.72 -5.63
CA ALA A 52 37.20 -22.47 -4.92
C ALA A 52 37.53 -22.70 -3.44
N VAL A 53 36.78 -23.60 -2.81
CA VAL A 53 36.96 -23.96 -1.41
C VAL A 53 38.34 -24.64 -1.21
N GLN A 54 38.64 -25.60 -2.07
CA GLN A 54 39.92 -26.33 -2.01
C GLN A 54 41.11 -25.40 -2.21
N ARG A 55 41.00 -24.47 -3.15
CA ARG A 55 42.03 -23.44 -3.36
C ARG A 55 42.28 -22.66 -2.07
N PHE A 56 41.22 -22.08 -1.52
CA PHE A 56 41.37 -21.33 -0.27
C PHE A 56 42.03 -22.16 0.83
N ARG A 57 41.59 -23.41 0.96
CA ARG A 57 42.15 -24.31 1.98
C ARG A 57 43.62 -24.65 1.75
N LEU A 58 44.03 -24.75 0.48
CA LEU A 58 45.45 -24.97 0.16
C LEU A 58 46.31 -23.81 0.64
N GLN A 59 45.76 -22.60 0.52
CA GLN A 59 46.50 -21.39 0.88
C GLN A 59 46.31 -20.99 2.35
N ASN A 60 45.37 -21.64 3.03
CA ASN A 60 45.01 -21.31 4.42
C ASN A 60 44.74 -22.58 5.24
N PRO A 61 45.79 -23.40 5.43
CA PRO A 61 45.64 -24.66 6.15
C PRO A 61 45.40 -24.54 7.67
N ASP A 62 45.81 -23.42 8.27
CA ASP A 62 45.77 -23.26 9.73
C ASP A 62 44.48 -22.58 10.24
N LEU A 63 43.50 -22.33 9.36
CA LEU A 63 42.24 -21.71 9.77
C LEU A 63 41.37 -22.70 10.57
N ASP A 64 40.87 -22.26 11.72
CA ASP A 64 39.88 -23.03 12.48
C ASP A 64 38.48 -22.72 11.93
N SER A 65 37.96 -23.63 11.12
CA SER A 65 36.68 -23.44 10.47
C SER A 65 35.51 -23.65 11.41
N GLU A 66 35.57 -24.69 12.23
CA GLU A 66 34.39 -25.04 13.04
C GLU A 66 34.02 -23.90 14.00
N ALA A 67 35.03 -23.17 14.47
CA ALA A 67 34.81 -22.07 15.41
C ALA A 67 34.20 -20.86 14.71
N LEU A 68 34.67 -20.58 13.50
CA LEU A 68 34.10 -19.53 12.69
C LEU A 68 32.62 -19.82 12.42
N LEU A 69 32.32 -21.07 12.03
CA LEU A 69 30.96 -21.43 11.62
C LEU A 69 29.94 -21.39 12.76
N THR A 70 30.42 -21.56 13.98
CA THR A 70 29.49 -21.60 15.10
C THR A 70 29.37 -20.26 15.83
N LEU A 71 30.10 -19.25 15.37
CA LEU A 71 29.92 -17.89 15.87
C LEU A 71 28.53 -17.37 15.51
N PRO A 72 27.76 -16.87 16.49
CA PRO A 72 26.54 -16.14 16.16
C PRO A 72 26.85 -14.97 15.21
N LEU A 73 25.87 -14.63 14.36
CA LEU A 73 26.08 -13.65 13.30
C LEU A 73 26.61 -12.31 13.82
N LEU A 74 26.05 -11.83 14.92
CA LEU A 74 26.48 -10.54 15.49
C LEU A 74 27.95 -10.53 15.91
N GLN A 75 28.46 -11.66 16.39
CA GLN A 75 29.89 -11.76 16.72
C GLN A 75 30.72 -11.88 15.46
N LEU A 76 30.26 -12.68 14.51
CA LEU A 76 30.92 -12.77 13.23
C LEU A 76 31.09 -11.36 12.64
N VAL A 77 30.02 -10.56 12.68
CA VAL A 77 30.03 -9.18 12.12
C VAL A 77 31.05 -8.29 12.83
N GLN A 78 31.11 -8.36 14.15
CA GLN A 78 32.07 -7.54 14.91
C GLN A 78 33.50 -7.92 14.55
N LYS A 79 33.77 -9.21 14.39
CA LYS A 79 35.11 -9.67 14.00
C LYS A 79 35.48 -9.22 12.59
N LEU A 80 34.53 -9.24 11.68
CA LEU A 80 34.74 -8.73 10.33
C LEU A 80 35.02 -7.24 10.39
N GLN A 81 34.22 -6.55 11.17
CA GLN A 81 34.37 -5.10 11.40
C GLN A 81 35.67 -4.70 12.11
N SER A 82 36.21 -5.59 12.94
CA SER A 82 37.48 -5.31 13.62
C SER A 82 38.73 -5.81 12.91
N GLY A 83 38.55 -6.55 11.81
CA GLY A 83 39.69 -7.13 11.11
C GLY A 83 40.24 -8.38 11.77
N GLU A 84 39.57 -8.88 12.81
CA GLU A 84 39.98 -10.10 13.49
C GLU A 84 39.78 -11.32 12.57
N LEU A 85 38.73 -11.30 11.77
CA LEU A 85 38.54 -12.26 10.68
C LEU A 85 38.46 -11.52 9.36
N SER A 86 39.02 -12.14 8.32
CA SER A 86 38.97 -11.59 6.98
C SER A 86 37.66 -12.00 6.31
N PRO A 87 37.11 -11.14 5.44
CA PRO A 87 35.93 -11.56 4.67
C PRO A 87 36.19 -12.80 3.80
N GLU A 88 37.43 -12.97 3.36
CA GLU A 88 37.81 -14.12 2.53
C GLU A 88 37.62 -15.42 3.33
N ALA A 89 38.14 -15.42 4.56
CA ALA A 89 38.05 -16.59 5.45
C ALA A 89 36.62 -16.97 5.73
N VAL A 90 35.81 -15.96 6.06
CA VAL A 90 34.39 -16.13 6.36
C VAL A 90 33.63 -16.70 5.16
N PHE A 91 33.81 -16.10 4.01
CA PHE A 91 33.12 -16.51 2.82
C PHE A 91 33.50 -17.95 2.43
N PHE A 92 34.78 -18.28 2.40
CA PHE A 92 35.21 -19.60 1.92
C PHE A 92 34.93 -20.74 2.90
N THR A 93 34.86 -20.40 4.19
CA THR A 93 34.50 -21.38 5.20
C THR A 93 33.05 -21.74 5.11
N TYR A 94 32.21 -20.72 4.96
CA TYR A 94 30.77 -20.94 4.76
C TYR A 94 30.46 -21.62 3.41
N LEU A 95 31.19 -21.24 2.36
CA LEU A 95 31.02 -21.86 1.04
C LEU A 95 31.31 -23.37 1.14
N GLY A 96 32.40 -23.73 1.82
CA GLY A 96 32.74 -25.12 2.10
C GLY A 96 31.64 -25.84 2.87
N LYS A 97 31.12 -25.19 3.90
CA LYS A 97 30.03 -25.75 4.70
C LYS A 97 28.75 -25.88 3.88
N ALA A 98 28.41 -24.86 3.09
CA ALA A 98 27.25 -24.96 2.19
C ALA A 98 27.34 -26.14 1.24
N TRP A 99 28.53 -26.37 0.69
CA TRP A 99 28.75 -27.43 -0.28
C TRP A 99 28.57 -28.80 0.36
N GLU A 100 29.12 -28.94 1.56
CA GLU A 100 29.00 -30.15 2.38
C GLU A 100 27.57 -30.48 2.74
N VAL A 101 26.84 -29.52 3.30
CA VAL A 101 25.45 -29.79 3.75
C VAL A 101 24.49 -29.99 2.58
N ASN A 102 24.81 -29.41 1.43
CA ASN A 102 24.05 -29.68 0.21
C ASN A 102 24.11 -31.15 -0.22
N LYS A 103 25.17 -31.87 0.14
CA LYS A 103 25.23 -33.30 -0.18
C LYS A 103 24.03 -34.07 0.36
N GLY A 104 23.62 -33.75 1.59
CA GLY A 104 22.53 -34.45 2.24
C GLY A 104 21.16 -33.80 2.12
N THR A 105 21.10 -32.57 1.62
CA THR A 105 19.85 -31.79 1.54
C THR A 105 19.39 -31.38 0.13
N ASN A 106 20.29 -31.28 -0.86
CA ASN A 106 19.92 -30.71 -2.18
C ASN A 106 19.19 -29.36 -2.05
N CYS A 107 19.81 -28.42 -1.34
CA CYS A 107 19.21 -27.12 -1.15
C CYS A 107 19.74 -26.02 -2.08
N VAL A 108 20.92 -26.24 -2.65
CA VAL A 108 21.57 -25.23 -3.48
C VAL A 108 21.31 -25.54 -4.94
N THR A 109 20.73 -24.58 -5.68
CA THR A 109 20.57 -24.70 -7.14
C THR A 109 21.68 -24.06 -7.98
N SER A 110 22.31 -23.00 -7.46
CA SER A 110 23.32 -22.24 -8.20
C SER A 110 24.27 -21.51 -7.27
N TYR A 111 25.53 -21.48 -7.69
CA TYR A 111 26.56 -20.70 -7.06
C TYR A 111 26.59 -19.38 -7.79
N LEU A 112 26.55 -18.28 -7.04
CA LEU A 112 26.36 -16.98 -7.67
C LEU A 112 27.63 -16.38 -8.29
N THR A 113 28.71 -17.15 -8.38
CA THR A 113 29.77 -16.97 -9.39
C THR A 113 30.63 -15.72 -9.27
N ASP A 114 30.03 -14.57 -9.51
CA ASP A 114 30.74 -13.28 -9.42
C ASP A 114 30.96 -12.87 -7.97
N CYS A 115 30.48 -13.67 -7.03
CA CYS A 115 30.49 -13.23 -5.63
C CYS A 115 31.92 -13.06 -5.08
N GLU A 116 32.90 -13.69 -5.72
CA GLU A 116 34.29 -13.52 -5.27
C GLU A 116 34.80 -12.12 -5.60
N THR A 117 34.22 -11.48 -6.62
CA THR A 117 34.55 -10.09 -6.94
C THR A 117 33.77 -9.08 -6.05
N GLN A 118 32.52 -9.41 -5.69
CA GLN A 118 31.77 -8.59 -4.72
C GLN A 118 32.53 -8.65 -3.39
N LEU A 119 33.01 -9.84 -3.06
CA LEU A 119 33.80 -10.08 -1.87
C LEU A 119 34.94 -9.08 -1.76
N SER A 120 35.61 -8.79 -2.87
CA SER A 120 36.74 -7.86 -2.84
C SER A 120 36.30 -6.39 -2.83
N GLN A 121 35.09 -6.14 -3.36
CA GLN A 121 34.55 -4.78 -3.50
C GLN A 121 33.61 -4.37 -2.36
N ALA A 122 33.29 -5.30 -1.45
CA ALA A 122 32.31 -5.06 -0.38
C ALA A 122 32.65 -3.81 0.43
N PRO A 123 31.72 -2.83 0.50
CA PRO A 123 32.01 -1.58 1.26
C PRO A 123 32.33 -1.82 2.74
N ARG A 124 33.51 -1.39 3.16
CA ARG A 124 34.04 -1.66 4.50
C ARG A 124 33.12 -1.17 5.61
N GLN A 125 32.46 -0.04 5.38
CA GLN A 125 31.60 0.53 6.40
C GLN A 125 30.19 -0.03 6.37
N GLY A 126 29.93 -1.01 5.49
CA GLY A 126 28.61 -1.57 5.37
C GLY A 126 28.23 -2.32 6.62
N LEU A 127 26.96 -2.24 6.98
CA LEU A 127 26.46 -2.92 8.17
C LEU A 127 26.60 -4.44 8.12
N LEU A 128 26.59 -5.01 6.91
CA LEU A 128 26.74 -6.45 6.72
C LEU A 128 28.09 -6.81 6.08
N TYR A 129 29.10 -5.99 6.32
CA TYR A 129 30.37 -6.18 5.64
C TYR A 129 30.89 -7.59 5.87
N GLY A 130 31.05 -8.31 4.77
CA GLY A 130 31.68 -9.59 4.76
C GLY A 130 30.75 -10.72 5.09
N VAL A 131 29.45 -10.47 5.17
CA VAL A 131 28.51 -11.49 5.59
C VAL A 131 28.02 -12.21 4.34
N PRO A 132 28.22 -13.52 4.27
CA PRO A 132 27.67 -14.34 3.18
C PRO A 132 26.18 -14.51 3.37
N VAL A 133 25.41 -14.33 2.30
CA VAL A 133 23.96 -14.36 2.36
C VAL A 133 23.39 -15.34 1.33
N SER A 134 22.45 -16.17 1.75
CA SER A 134 21.81 -17.11 0.83
C SER A 134 20.50 -16.47 0.32
N LEU A 135 20.13 -16.73 -0.93
CA LEU A 135 18.95 -16.14 -1.54
C LEU A 135 18.02 -17.19 -2.09
N LYS A 136 16.76 -17.13 -1.69
CA LYS A 136 15.73 -17.90 -2.38
C LYS A 136 15.86 -17.65 -3.88
N GLU A 137 15.58 -18.65 -4.70
CA GLU A 137 15.88 -18.58 -6.12
C GLU A 137 15.17 -17.41 -6.84
N CYS A 138 14.03 -16.94 -6.30
CA CYS A 138 13.27 -15.87 -6.92
C CYS A 138 13.91 -14.47 -6.83
N PHE A 139 14.93 -14.33 -6.01
CA PHE A 139 15.62 -13.07 -5.87
C PHE A 139 16.55 -12.90 -7.07
N SER A 140 16.09 -12.17 -8.08
CA SER A 140 16.84 -12.03 -9.33
C SER A 140 18.30 -11.63 -9.10
N TYR A 141 19.20 -12.34 -9.77
CA TYR A 141 20.62 -12.07 -9.66
C TYR A 141 21.21 -12.04 -11.06
N LYS A 142 21.92 -10.97 -11.39
CA LYS A 142 22.39 -10.74 -12.76
C LYS A 142 23.11 -11.97 -13.29
N GLY A 143 22.63 -12.47 -14.42
CA GLY A 143 23.28 -13.55 -15.15
C GLY A 143 22.80 -14.92 -14.79
N HIS A 144 21.81 -15.00 -13.91
CA HIS A 144 21.29 -16.28 -13.42
C HIS A 144 19.80 -16.40 -13.68
N ASP A 145 19.36 -17.62 -13.94
CA ASP A 145 17.95 -17.91 -14.08
C ASP A 145 17.32 -17.77 -12.70
N SER A 146 16.04 -17.41 -12.70
CA SER A 146 15.19 -17.64 -11.55
C SER A 146 14.08 -18.51 -12.13
N THR A 147 14.30 -19.82 -12.14
CA THR A 147 13.38 -20.75 -12.78
C THR A 147 12.06 -20.97 -12.05
N LEU A 148 12.10 -20.91 -10.72
CA LEU A 148 10.96 -21.33 -9.90
C LEU A 148 10.59 -22.79 -10.13
N GLY A 149 11.51 -23.59 -10.69
CA GLY A 149 11.21 -24.97 -11.04
C GLY A 149 10.38 -25.15 -12.29
N LEU A 150 10.21 -24.06 -13.04
CA LEU A 150 9.37 -24.07 -14.22
C LEU A 150 10.24 -24.05 -15.47
N SER A 151 9.94 -24.98 -16.38
CA SER A 151 10.65 -25.07 -17.65
C SER A 151 10.66 -23.77 -18.45
N LEU A 152 9.57 -23.02 -18.40
CA LEU A 152 9.43 -21.79 -19.19
C LEU A 152 10.43 -20.72 -18.79
N ASN A 153 10.96 -20.79 -17.58
CA ASN A 153 11.94 -19.83 -17.07
C ASN A 153 13.39 -20.30 -17.15
N GLU A 154 13.61 -21.49 -17.68
CA GLU A 154 14.97 -21.99 -17.82
C GLU A 154 15.59 -21.34 -19.05
N GLY A 155 16.85 -20.92 -18.93
CA GLY A 155 17.57 -20.33 -20.06
C GLY A 155 17.20 -18.87 -20.25
N MET A 156 16.64 -18.27 -19.20
CA MET A 156 16.20 -16.87 -19.22
C MET A 156 16.89 -16.10 -18.10
N PRO A 157 18.21 -15.90 -18.23
CA PRO A 157 18.95 -15.26 -17.13
C PRO A 157 18.54 -13.82 -16.88
N SER A 158 18.59 -13.41 -15.62
CA SER A 158 18.26 -12.04 -15.27
C SER A 158 19.28 -11.04 -15.77
N GLU A 159 18.81 -9.89 -16.23
CA GLU A 159 19.66 -8.82 -16.72
C GLU A 159 20.27 -7.98 -15.59
N SER A 160 19.66 -8.04 -14.40
CA SER A 160 20.16 -7.28 -13.26
C SER A 160 19.73 -7.88 -11.93
N ASP A 161 20.40 -7.45 -10.86
CA ASP A 161 20.09 -7.83 -9.49
C ASP A 161 18.79 -7.12 -9.11
N CYS A 162 17.93 -7.80 -8.37
CA CYS A 162 16.77 -7.14 -7.78
C CYS A 162 17.22 -6.08 -6.74
N VAL A 163 16.31 -5.21 -6.33
CA VAL A 163 16.67 -4.07 -5.45
C VAL A 163 17.24 -4.57 -4.11
N VAL A 164 16.65 -5.59 -3.52
CA VAL A 164 17.14 -6.05 -2.21
C VAL A 164 18.54 -6.65 -2.33
N VAL A 165 18.83 -7.34 -3.43
CA VAL A 165 20.21 -7.79 -3.69
C VAL A 165 21.17 -6.62 -3.84
N GLN A 166 20.76 -5.62 -4.60
CA GLN A 166 21.55 -4.38 -4.70
C GLN A 166 21.86 -3.75 -3.33
N VAL A 167 20.88 -3.71 -2.45
CA VAL A 167 21.04 -3.10 -1.12
C VAL A 167 21.93 -3.94 -0.24
N LEU A 168 21.71 -5.26 -0.27
CA LEU A 168 22.59 -6.21 0.42
C LEU A 168 24.04 -5.96 0.05
N LYS A 169 24.31 -5.84 -1.23
CA LYS A 169 25.66 -5.58 -1.70
C LYS A 169 26.21 -4.21 -1.28
N LEU A 170 25.35 -3.21 -1.28
CA LEU A 170 25.77 -1.86 -0.82
C LEU A 170 26.05 -1.82 0.69
N GLN A 171 25.43 -2.74 1.42
CA GLN A 171 25.71 -2.90 2.85
C GLN A 171 26.85 -3.89 3.12
N GLY A 172 27.58 -4.31 2.08
CA GLY A 172 28.76 -5.13 2.25
C GLY A 172 28.54 -6.62 2.32
N ALA A 173 27.32 -7.08 2.11
CA ALA A 173 27.02 -8.49 2.17
C ALA A 173 27.46 -9.17 0.88
N VAL A 174 27.71 -10.46 0.95
CA VAL A 174 28.12 -11.24 -0.24
C VAL A 174 27.09 -12.34 -0.54
N PRO A 175 26.07 -12.03 -1.36
CA PRO A 175 25.12 -13.10 -1.71
C PRO A 175 25.90 -14.16 -2.50
N PHE A 176 25.71 -15.45 -2.16
CA PHE A 176 26.59 -16.48 -2.71
C PHE A 176 25.90 -17.67 -3.34
N VAL A 177 24.66 -17.95 -2.97
CA VAL A 177 23.93 -19.08 -3.54
C VAL A 177 22.45 -18.74 -3.76
N HIS A 178 21.88 -19.34 -4.80
CA HIS A 178 20.44 -19.47 -4.92
C HIS A 178 20.05 -20.81 -4.35
N THR A 179 18.94 -20.82 -3.61
CA THR A 179 18.46 -21.99 -2.95
C THR A 179 17.13 -22.47 -3.56
N ASN A 180 16.91 -23.77 -3.48
CA ASN A 180 15.77 -24.43 -4.08
C ASN A 180 14.41 -24.03 -3.53
N VAL A 181 13.39 -24.19 -4.38
CA VAL A 181 11.98 -23.91 -4.08
C VAL A 181 11.11 -25.00 -4.74
N PRO A 182 9.87 -25.20 -4.23
CA PRO A 182 8.96 -26.09 -4.97
C PRO A 182 8.54 -25.43 -6.26
N GLN A 183 8.21 -26.24 -7.24
CA GLN A 183 7.77 -25.73 -8.51
C GLN A 183 6.67 -24.66 -8.38
N SER A 184 6.86 -23.51 -9.03
CA SER A 184 5.96 -22.33 -8.98
C SER A 184 6.04 -21.47 -7.70
N MET A 185 6.69 -22.02 -6.66
CA MET A 185 6.78 -21.48 -5.29
C MET A 185 5.51 -21.56 -4.42
N PHE A 186 4.40 -21.97 -5.01
CA PHE A 186 3.12 -22.00 -4.33
C PHE A 186 2.89 -23.37 -3.71
N SER A 187 3.54 -23.58 -2.57
CA SER A 187 3.62 -24.91 -1.93
C SER A 187 4.43 -24.74 -0.67
N TYR A 188 4.12 -25.50 0.38
CA TYR A 188 5.00 -25.55 1.55
C TYR A 188 5.83 -26.82 1.64
N ASP A 189 5.97 -27.55 0.51
CA ASP A 189 6.99 -28.58 0.32
C ASP A 189 8.14 -27.93 -0.49
N CYS A 190 9.05 -28.72 -1.07
CA CYS A 190 10.22 -28.13 -1.73
C CYS A 190 10.84 -29.04 -2.76
N SER A 191 10.08 -29.34 -3.81
CA SER A 191 10.57 -30.10 -4.94
C SER A 191 10.11 -29.48 -6.27
N ASN A 192 10.94 -29.59 -7.28
CA ASN A 192 10.57 -29.25 -8.65
C ASN A 192 11.26 -30.17 -9.67
N PRO A 193 10.69 -30.26 -10.89
CA PRO A 193 11.25 -31.13 -11.91
C PRO A 193 12.63 -30.80 -12.45
N LEU A 194 13.16 -29.61 -12.17
CA LEU A 194 14.47 -29.18 -12.67
C LEU A 194 15.59 -29.65 -11.74
N PHE A 195 15.53 -29.26 -10.47
CA PHE A 195 16.60 -29.55 -9.50
C PHE A 195 16.23 -30.64 -8.48
N GLY A 196 14.99 -31.09 -8.48
CA GLY A 196 14.55 -32.20 -7.63
C GLY A 196 14.11 -31.72 -6.25
N GLN A 197 14.30 -32.61 -5.26
CA GLN A 197 13.72 -32.51 -3.92
C GLN A 197 14.73 -32.04 -2.90
N THR A 198 14.36 -31.05 -2.12
CA THR A 198 15.17 -30.61 -0.99
C THR A 198 14.68 -31.38 0.25
N MET A 199 15.60 -31.78 1.11
CA MET A 199 15.30 -32.59 2.29
C MET A 199 15.56 -31.82 3.58
N ASN A 200 14.78 -32.15 4.61
CA ASN A 200 15.00 -31.56 5.92
C ASN A 200 16.36 -32.03 6.47
N PRO A 201 17.20 -31.10 6.95
CA PRO A 201 18.49 -31.46 7.50
C PRO A 201 18.40 -32.30 8.77
N TRP A 202 17.25 -32.30 9.44
CA TRP A 202 17.05 -33.09 10.65
C TRP A 202 16.65 -34.53 10.43
N LYS A 203 15.99 -34.80 9.31
CA LYS A 203 15.50 -36.13 9.04
C LYS A 203 15.20 -36.22 7.55
N SER A 204 15.86 -37.15 6.86
CA SER A 204 15.82 -37.16 5.40
C SER A 204 14.43 -37.42 4.80
N SER A 205 13.55 -38.07 5.55
CA SER A 205 12.18 -38.38 5.09
C SER A 205 11.20 -37.21 5.24
N LYS A 206 11.66 -36.11 5.83
CA LYS A 206 10.82 -34.97 6.13
C LYS A 206 11.01 -33.85 5.12
N SER A 207 9.95 -33.06 4.94
CA SER A 207 10.00 -31.88 4.13
C SER A 207 10.75 -30.82 4.92
N PRO A 208 11.57 -30.00 4.22
CA PRO A 208 12.19 -28.81 4.85
C PRO A 208 11.20 -27.64 5.04
N GLY A 209 9.98 -27.83 4.57
CA GLY A 209 9.03 -26.76 4.47
C GLY A 209 9.28 -25.99 3.21
N GLY A 210 8.50 -24.95 3.02
CA GLY A 210 8.77 -24.04 1.96
C GLY A 210 7.61 -23.10 1.70
N SER A 211 7.97 -22.17 0.83
CA SER A 211 8.44 -22.45 -0.48
C SER A 211 9.93 -21.99 -0.31
N SER A 212 10.27 -21.26 0.78
CA SER A 212 11.67 -20.91 1.13
C SER A 212 12.40 -22.09 1.82
N GLY A 213 12.28 -23.26 1.21
CA GLY A 213 12.74 -24.53 1.80
C GLY A 213 14.23 -24.74 1.70
N GLY A 214 14.82 -24.38 0.57
CA GLY A 214 16.28 -24.49 0.41
C GLY A 214 16.99 -23.58 1.42
N GLU A 215 16.43 -22.42 1.66
CA GLU A 215 16.95 -21.49 2.69
C GLU A 215 16.91 -22.13 4.04
N GLY A 216 15.75 -22.73 4.36
CA GLY A 216 15.55 -23.35 5.66
C GLY A 216 16.51 -24.51 5.86
N ALA A 217 16.69 -25.33 4.84
CA ALA A 217 17.60 -26.45 4.90
C ALA A 217 19.05 -25.96 5.07
N LEU A 218 19.46 -24.96 4.29
CA LEU A 218 20.83 -24.46 4.33
C LEU A 218 21.18 -23.77 5.65
N ILE A 219 20.30 -22.88 6.07
CA ILE A 219 20.52 -22.15 7.31
C ILE A 219 20.41 -23.10 8.48
N GLY A 220 19.43 -24.01 8.40
CA GLY A 220 19.21 -25.00 9.40
C GLY A 220 20.36 -25.97 9.66
N SER A 221 21.17 -26.24 8.64
CA SER A 221 22.32 -27.14 8.76
C SER A 221 23.64 -26.41 9.01
N GLY A 222 23.62 -25.09 9.03
CA GLY A 222 24.81 -24.29 9.33
C GLY A 222 25.53 -23.74 8.10
N GLY A 223 24.93 -23.89 6.93
CA GLY A 223 25.57 -23.53 5.66
C GLY A 223 25.47 -22.07 5.24
N SER A 224 24.66 -21.27 5.93
CA SER A 224 24.59 -19.83 5.71
C SER A 224 24.16 -19.16 7.03
N PRO A 225 24.75 -17.99 7.36
CA PRO A 225 24.33 -17.28 8.57
C PRO A 225 23.06 -16.46 8.41
N LEU A 226 22.64 -16.20 7.16
CA LEU A 226 21.55 -15.27 6.88
C LEU A 226 21.01 -15.54 5.49
N GLY A 227 19.69 -15.58 5.37
CA GLY A 227 19.05 -15.73 4.08
C GLY A 227 17.81 -14.87 3.91
N LEU A 228 17.33 -14.75 2.67
CA LEU A 228 16.12 -14.01 2.35
C LEU A 228 15.15 -14.95 1.70
N GLY A 229 13.93 -14.92 2.19
CA GLY A 229 12.82 -15.71 1.64
C GLY A 229 11.67 -14.79 1.27
N THR A 230 10.57 -15.42 0.83
CA THR A 230 9.34 -14.70 0.55
C THR A 230 8.17 -15.55 1.08
N ASP A 231 7.03 -14.90 1.24
CA ASP A 231 5.92 -15.50 2.00
C ASP A 231 4.60 -14.89 1.54
N ILE A 232 3.70 -15.75 1.03
CA ILE A 232 2.35 -15.36 0.71
C ILE A 232 1.27 -16.16 1.49
N GLY A 233 1.64 -17.33 2.00
CA GLY A 233 0.74 -18.16 2.79
C GLY A 233 1.43 -18.88 3.95
N GLY A 234 2.70 -18.54 4.20
CA GLY A 234 3.55 -19.17 5.22
C GLY A 234 5.00 -19.49 4.81
N SER A 235 5.36 -19.18 3.57
CA SER A 235 6.62 -19.63 2.92
C SER A 235 7.97 -19.21 3.54
N ILE A 236 8.00 -18.22 4.44
CA ILE A 236 9.16 -17.99 5.33
C ILE A 236 9.03 -18.79 6.62
N ARG A 237 7.78 -18.92 7.09
CA ARG A 237 7.51 -19.42 8.42
C ARG A 237 7.54 -20.95 8.47
N PHE A 238 6.98 -21.62 7.48
CA PHE A 238 7.06 -23.09 7.41
C PHE A 238 8.48 -23.61 7.42
N PRO A 239 9.34 -23.14 6.48
CA PRO A 239 10.72 -23.67 6.53
C PRO A 239 11.48 -23.28 7.79
N SER A 240 11.20 -22.10 8.32
CA SER A 240 11.86 -21.68 9.57
C SER A 240 11.46 -22.58 10.73
N ALA A 241 10.17 -22.87 10.84
CA ALA A 241 9.67 -23.81 11.87
C ALA A 241 10.18 -25.25 11.67
N PHE A 242 10.02 -25.78 10.46
CA PHE A 242 10.37 -27.20 10.23
C PHE A 242 11.87 -27.53 10.38
N CYS A 243 12.71 -26.55 10.08
CA CYS A 243 14.17 -26.69 10.14
C CYS A 243 14.78 -26.10 11.40
N GLY A 244 13.97 -25.52 12.29
CA GLY A 244 14.49 -25.07 13.59
C GLY A 244 15.29 -23.79 13.56
N ILE A 245 14.86 -22.83 12.74
CA ILE A 245 15.48 -21.50 12.65
C ILE A 245 14.44 -20.42 12.81
N CYS A 246 14.90 -19.16 12.80
CA CYS A 246 14.05 -17.97 13.00
C CYS A 246 13.81 -17.31 11.66
N GLY A 247 12.59 -16.80 11.47
CA GLY A 247 12.24 -16.05 10.30
C GLY A 247 11.16 -15.02 10.60
N LEU A 248 11.13 -13.97 9.77
CA LEU A 248 10.17 -12.90 9.94
C LEU A 248 9.56 -12.60 8.59
N LYS A 249 8.24 -12.54 8.55
CA LYS A 249 7.49 -12.06 7.40
C LYS A 249 7.04 -10.66 7.76
N PRO A 250 7.67 -9.61 7.20
CA PRO A 250 7.20 -8.29 7.46
C PRO A 250 5.85 -7.93 6.83
N THR A 251 5.31 -6.76 7.19
CA THR A 251 4.23 -6.11 6.39
C THR A 251 4.68 -6.10 4.94
N GLY A 252 3.78 -6.44 4.02
CA GLY A 252 4.10 -6.63 2.64
C GLY A 252 4.94 -5.56 1.98
N ASN A 253 4.65 -4.29 2.25
CA ASN A 253 5.35 -3.18 1.62
C ASN A 253 6.38 -2.53 2.54
N ARG A 254 6.87 -3.26 3.53
CA ARG A 254 7.98 -2.74 4.33
C ARG A 254 9.31 -2.82 3.53
N LEU A 255 9.43 -3.84 2.69
CA LEU A 255 10.66 -4.07 1.88
C LEU A 255 10.32 -4.16 0.41
N SER A 256 11.28 -3.80 -0.45
CA SER A 256 11.02 -3.71 -1.89
C SER A 256 10.93 -5.09 -2.53
N LYS A 257 9.87 -5.31 -3.28
CA LYS A 257 9.71 -6.50 -4.13
C LYS A 257 10.18 -6.22 -5.57
N SER A 258 10.85 -5.11 -5.78
CA SER A 258 11.24 -4.71 -7.12
C SER A 258 12.32 -5.67 -7.67
N GLY A 259 12.01 -6.34 -8.78
CA GLY A 259 12.95 -7.21 -9.46
C GLY A 259 12.85 -8.66 -9.08
N LEU A 260 11.98 -8.99 -8.13
CA LEU A 260 11.69 -10.39 -7.77
C LEU A 260 10.99 -11.14 -8.88
N LYS A 261 11.36 -12.41 -9.04
CA LYS A 261 10.71 -13.25 -10.05
C LYS A 261 9.45 -13.83 -9.45
N GLY A 262 8.36 -13.76 -10.20
CA GLY A 262 7.10 -14.32 -9.72
C GLY A 262 6.45 -15.16 -10.81
N CYS A 263 5.22 -15.59 -10.55
CA CYS A 263 4.51 -16.30 -11.59
C CYS A 263 3.02 -15.93 -11.75
N VAL A 264 2.51 -15.08 -10.84
CA VAL A 264 1.18 -14.49 -11.00
C VAL A 264 1.41 -12.96 -10.90
N TYR A 265 0.82 -12.21 -11.80
CA TYR A 265 1.06 -10.79 -11.94
C TYR A 265 -0.24 -10.03 -11.75
N GLY A 266 -0.22 -9.02 -10.88
CA GLY A 266 -1.35 -8.16 -10.68
C GLY A 266 -2.36 -8.57 -9.62
N GLN A 267 -2.09 -9.66 -8.88
CA GLN A 267 -2.94 -10.10 -7.76
C GLN A 267 -2.49 -9.32 -6.52
N THR A 268 -3.32 -8.39 -6.06
CA THR A 268 -2.96 -7.47 -4.99
C THR A 268 -3.83 -7.65 -3.73
N ALA A 269 -4.81 -8.56 -3.77
CA ALA A 269 -5.67 -8.85 -2.61
C ALA A 269 -4.86 -9.42 -1.44
N VAL A 270 -4.02 -10.40 -1.76
CA VAL A 270 -3.17 -11.04 -0.78
C VAL A 270 -1.76 -10.85 -1.31
N GLN A 271 -1.07 -9.92 -0.67
CA GLN A 271 0.26 -9.42 -1.01
C GLN A 271 1.40 -10.34 -0.57
N LEU A 272 2.41 -10.46 -1.42
CA LEU A 272 3.59 -11.21 -1.14
C LEU A 272 4.43 -10.35 -0.21
N SER A 273 5.16 -10.96 0.69
CA SER A 273 6.10 -10.24 1.55
C SER A 273 7.48 -10.93 1.52
N LEU A 274 8.54 -10.16 1.64
CA LEU A 274 9.87 -10.74 1.63
C LEU A 274 10.49 -10.45 2.98
N GLY A 275 11.37 -11.33 3.45
CA GLY A 275 12.03 -11.09 4.76
C GLY A 275 13.12 -12.07 5.12
N PRO A 276 13.82 -11.80 6.23
CA PRO A 276 14.98 -12.55 6.63
C PRO A 276 14.70 -13.86 7.35
N MET A 277 15.64 -14.80 7.22
CA MET A 277 15.65 -16.07 7.91
C MET A 277 17.05 -16.23 8.45
N ALA A 278 17.20 -16.70 9.69
CA ALA A 278 18.52 -16.78 10.30
C ALA A 278 18.49 -17.72 11.46
N ARG A 279 19.62 -17.89 12.10
CA ARG A 279 19.73 -18.78 13.26
C ARG A 279 19.19 -18.18 14.57
N ASP A 280 19.16 -16.85 14.70
CA ASP A 280 18.68 -16.19 15.89
C ASP A 280 17.98 -14.87 15.56
N VAL A 281 17.25 -14.32 16.52
CA VAL A 281 16.42 -13.15 16.28
C VAL A 281 17.23 -11.88 16.03
N GLU A 282 18.33 -11.74 16.78
CA GLU A 282 19.21 -10.58 16.58
C GLU A 282 19.71 -10.48 15.12
N SER A 283 19.86 -11.63 14.47
CA SER A 283 20.28 -11.68 13.05
C SER A 283 19.21 -11.08 12.13
N LEU A 284 17.95 -11.34 12.45
CA LEU A 284 16.81 -10.80 11.74
C LEU A 284 16.71 -9.31 11.88
N ALA A 285 16.97 -8.82 13.09
CA ALA A 285 16.96 -7.40 13.38
C ALA A 285 18.05 -6.69 12.61
N LEU A 286 19.27 -7.28 12.62
CA LEU A 286 20.39 -6.69 11.89
C LEU A 286 20.11 -6.63 10.39
N CYS A 287 19.58 -7.72 9.84
CA CYS A 287 19.27 -7.74 8.42
C CYS A 287 18.25 -6.63 8.10
N LEU A 288 17.17 -6.53 8.89
CA LEU A 288 16.14 -5.53 8.63
C LEU A 288 16.71 -4.11 8.74
N LYS A 289 17.54 -3.89 9.77
CA LYS A 289 18.21 -2.65 9.98
C LYS A 289 19.06 -2.26 8.77
N ALA A 290 19.76 -3.22 8.20
CA ALA A 290 20.68 -2.94 7.11
C ALA A 290 19.91 -2.68 5.82
N LEU A 291 18.81 -3.39 5.64
CA LEU A 291 17.93 -3.20 4.49
C LEU A 291 17.16 -1.90 4.46
N LEU A 292 16.69 -1.46 5.62
CA LEU A 292 15.85 -0.28 5.71
C LEU A 292 16.70 0.98 5.76
N CYS A 293 17.42 1.22 4.68
CA CYS A 293 18.39 2.29 4.59
C CYS A 293 18.04 3.14 3.38
N GLU A 294 18.66 4.31 3.32
CA GLU A 294 18.46 5.25 2.22
C GLU A 294 18.60 4.56 0.85
N HIS A 295 19.60 3.68 0.67
CA HIS A 295 19.80 2.99 -0.65
C HIS A 295 18.50 2.31 -1.10
N LEU A 296 17.88 1.58 -0.17
CA LEU A 296 16.62 0.87 -0.46
C LEU A 296 15.54 1.87 -0.91
N PHE A 297 15.37 2.92 -0.11
CA PHE A 297 14.28 3.89 -0.31
C PHE A 297 14.44 4.75 -1.56
N THR A 298 15.68 4.94 -1.97
CA THR A 298 15.96 5.66 -3.22
C THR A 298 15.84 4.70 -4.42
N LEU A 299 16.29 3.46 -4.28
CA LEU A 299 16.18 2.47 -5.37
C LEU A 299 14.72 2.08 -5.68
N ASP A 300 13.89 2.01 -4.63
CA ASP A 300 12.48 1.79 -4.82
C ASP A 300 11.62 2.79 -4.05
N PRO A 301 11.35 3.93 -4.68
CA PRO A 301 10.55 5.01 -4.08
C PRO A 301 9.15 4.58 -3.63
N THR A 302 8.62 3.45 -4.11
CA THR A 302 7.28 3.01 -3.73
C THR A 302 7.20 2.42 -2.33
N VAL A 303 8.34 2.13 -1.71
CA VAL A 303 8.37 1.63 -0.36
C VAL A 303 8.39 2.80 0.60
N PRO A 304 7.52 2.81 1.59
CA PRO A 304 7.56 3.88 2.61
C PRO A 304 8.93 3.95 3.28
N PRO A 305 9.54 5.13 3.35
CA PRO A 305 10.85 5.26 3.91
C PRO A 305 10.86 5.26 5.46
N LEU A 306 10.57 4.09 6.03
CA LEU A 306 10.48 3.88 7.46
C LEU A 306 11.78 3.25 7.97
N PRO A 307 12.65 4.03 8.62
CA PRO A 307 13.87 3.39 9.12
C PRO A 307 13.59 2.41 10.26
N PHE A 308 14.51 1.49 10.48
CA PHE A 308 14.40 0.56 11.61
C PHE A 308 14.49 1.28 12.95
N ARG A 309 13.47 1.12 13.79
CA ARG A 309 13.43 1.81 15.09
C ARG A 309 14.07 0.96 16.19
N GLU A 310 15.36 1.16 16.43
CA GLU A 310 16.08 0.32 17.39
C GLU A 310 15.54 0.43 18.81
N GLU A 311 14.99 1.58 19.16
CA GLU A 311 14.47 1.78 20.51
C GLU A 311 13.29 0.87 20.78
N VAL A 312 12.44 0.66 19.79
CA VAL A 312 11.32 -0.27 19.91
C VAL A 312 11.87 -1.68 20.05
N TYR A 313 12.80 -2.07 19.16
CA TYR A 313 13.33 -3.45 19.16
C TYR A 313 13.96 -3.76 20.51
N ARG A 314 14.66 -2.78 21.06
CA ARG A 314 15.43 -2.92 22.30
C ARG A 314 14.61 -2.75 23.56
N SER A 315 13.33 -2.39 23.42
CA SER A 315 12.45 -2.15 24.58
C SER A 315 12.36 -3.39 25.45
N SER A 316 12.39 -3.20 26.77
CA SER A 316 12.23 -4.32 27.70
C SER A 316 11.06 -4.15 28.67
N ARG A 317 10.02 -3.45 28.21
CA ARG A 317 8.81 -3.23 29.02
C ARG A 317 7.89 -4.42 28.98
N PRO A 318 7.06 -4.58 30.02
CA PRO A 318 6.06 -5.64 29.95
C PRO A 318 5.12 -5.45 28.79
N LEU A 319 4.68 -6.58 28.24
CA LEU A 319 3.81 -6.62 27.08
C LEU A 319 2.44 -7.18 27.46
N ARG A 320 1.42 -6.68 26.78
CA ARG A 320 0.11 -7.35 26.76
C ARG A 320 0.10 -8.27 25.55
N VAL A 321 0.02 -9.57 25.82
CA VAL A 321 0.22 -10.59 24.81
C VAL A 321 -1.09 -11.32 24.67
N GLY A 322 -1.75 -11.17 23.53
CA GLY A 322 -2.88 -12.00 23.18
C GLY A 322 -2.35 -13.38 22.90
N TYR A 323 -3.16 -14.41 23.11
CA TYR A 323 -2.79 -15.77 22.70
C TYR A 323 -3.98 -16.68 22.43
N TYR A 324 -3.79 -17.62 21.50
CA TYR A 324 -4.68 -18.77 21.38
C TYR A 324 -3.89 -20.07 21.30
N GLU A 325 -4.51 -21.15 21.76
CA GLU A 325 -3.90 -22.47 21.73
C GLU A 325 -4.27 -23.22 20.45
N THR A 326 -5.36 -22.83 19.83
CA THR A 326 -5.86 -23.43 18.62
C THR A 326 -6.65 -22.36 17.88
N ASP A 327 -6.64 -22.44 16.55
CA ASP A 327 -7.45 -21.56 15.73
C ASP A 327 -8.81 -22.17 15.40
N ASN A 328 -9.11 -23.32 16.00
CA ASN A 328 -10.34 -24.10 15.75
C ASN A 328 -10.57 -24.50 14.32
N TYR A 329 -9.49 -24.56 13.56
CA TYR A 329 -9.54 -24.90 12.14
C TYR A 329 -8.57 -26.07 11.89
N THR A 330 -7.29 -25.88 12.22
CA THR A 330 -6.30 -26.95 12.25
C THR A 330 -6.03 -27.32 13.70
N MET A 331 -6.42 -28.51 14.07
CA MET A 331 -6.10 -29.01 15.40
C MET A 331 -4.59 -29.06 15.54
N PRO A 332 -4.07 -28.48 16.62
CA PRO A 332 -2.63 -28.54 16.77
C PRO A 332 -2.17 -29.95 17.11
N SER A 333 -0.94 -30.26 16.72
CA SER A 333 -0.29 -31.46 17.17
C SER A 333 0.02 -31.32 18.67
N PRO A 334 0.19 -32.46 19.38
CA PRO A 334 0.61 -32.40 20.79
C PRO A 334 1.85 -31.52 21.03
N ALA A 335 2.88 -31.62 20.18
CA ALA A 335 4.07 -30.77 20.31
C ALA A 335 3.75 -29.29 20.14
N MET A 336 2.94 -28.95 19.14
CA MET A 336 2.48 -27.58 18.93
C MET A 336 1.77 -26.99 20.13
N ARG A 337 0.84 -27.77 20.68
CA ARG A 337 0.10 -27.30 21.83
C ARG A 337 1.01 -27.11 23.03
N ARG A 338 1.89 -28.07 23.31
CA ARG A 338 2.83 -27.96 24.44
C ARG A 338 3.77 -26.77 24.27
N ALA A 339 4.30 -26.59 23.05
CA ALA A 339 5.13 -25.44 22.68
C ALA A 339 4.43 -24.10 23.02
N LEU A 340 3.17 -23.97 22.65
CA LEU A 340 2.39 -22.73 22.88
C LEU A 340 2.12 -22.51 24.38
N ILE A 341 1.69 -23.57 25.08
CA ILE A 341 1.35 -23.45 26.49
C ILE A 341 2.60 -23.15 27.37
N GLU A 342 3.72 -23.81 27.10
CA GLU A 342 4.95 -23.56 27.86
C GLU A 342 5.47 -22.13 27.64
N THR A 343 5.31 -21.63 26.42
CA THR A 343 5.76 -20.27 26.07
C THR A 343 4.89 -19.22 26.79
N LYS A 344 3.58 -19.45 26.76
CA LYS A 344 2.63 -18.65 27.53
C LYS A 344 2.99 -18.61 29.01
N GLN A 345 3.26 -19.79 29.57
CA GLN A 345 3.59 -19.91 30.99
C GLN A 345 4.86 -19.15 31.35
N ARG A 346 5.89 -19.27 30.50
CA ARG A 346 7.16 -18.54 30.76
C ARG A 346 6.99 -17.03 30.62
N LEU A 347 6.21 -16.62 29.63
CA LEU A 347 5.92 -15.18 29.44
C LEU A 347 5.20 -14.61 30.68
N GLU A 348 4.22 -15.36 31.20
CA GLU A 348 3.52 -14.93 32.40
C GLU A 348 4.45 -14.86 33.59
N ALA A 349 5.31 -15.87 33.74
CA ALA A 349 6.31 -15.88 34.81
C ALA A 349 7.24 -14.66 34.72
N ALA A 350 7.49 -14.20 33.49
CA ALA A 350 8.38 -13.05 33.26
C ALA A 350 7.70 -11.69 33.49
N GLY A 351 6.41 -11.69 33.78
CA GLY A 351 5.67 -10.47 34.05
C GLY A 351 4.78 -9.92 32.97
N HIS A 352 4.65 -10.63 31.84
CA HIS A 352 3.80 -10.17 30.76
C HIS A 352 2.37 -10.63 31.02
N THR A 353 1.41 -9.88 30.50
CA THR A 353 0.01 -10.21 30.74
C THR A 353 -0.46 -11.00 29.54
N LEU A 354 -0.91 -12.24 29.80
CA LEU A 354 -1.40 -13.15 28.73
C LEU A 354 -2.95 -13.09 28.70
N ILE A 355 -3.47 -12.72 27.53
CA ILE A 355 -4.89 -12.44 27.32
C ILE A 355 -5.47 -13.30 26.22
N PRO A 356 -6.40 -14.20 26.55
CA PRO A 356 -7.04 -15.01 25.50
C PRO A 356 -7.63 -14.15 24.41
N PHE A 357 -7.28 -14.47 23.18
CA PHE A 357 -7.66 -13.67 22.03
C PHE A 357 -7.71 -14.55 20.81
N LEU A 358 -8.75 -14.40 20.00
CA LEU A 358 -8.84 -15.12 18.72
C LEU A 358 -9.44 -14.21 17.65
N PRO A 359 -8.72 -13.98 16.53
CA PRO A 359 -9.33 -13.23 15.41
C PRO A 359 -10.63 -13.83 14.99
N ASN A 360 -11.59 -12.96 14.72
CA ASN A 360 -12.95 -13.34 14.39
C ASN A 360 -12.97 -13.98 13.02
N ASN A 361 -13.94 -14.86 12.79
CA ASN A 361 -14.23 -15.39 11.45
C ASN A 361 -13.04 -15.95 10.65
N ILE A 362 -12.25 -16.78 11.32
CA ILE A 362 -11.08 -17.36 10.67
C ILE A 362 -11.49 -18.22 9.48
N PRO A 363 -12.52 -19.05 9.65
CA PRO A 363 -12.89 -19.84 8.47
C PRO A 363 -13.19 -19.00 7.22
N TYR A 364 -14.01 -17.97 7.36
CA TYR A 364 -14.27 -16.98 6.29
C TYR A 364 -12.98 -16.33 5.72
N ALA A 365 -12.11 -15.88 6.60
CA ALA A 365 -10.81 -15.31 6.18
C ALA A 365 -9.98 -16.26 5.31
N LEU A 366 -9.98 -17.54 5.67
CA LEU A 366 -9.19 -18.54 4.94
C LEU A 366 -9.92 -19.01 3.70
N GLU A 367 -11.17 -19.39 3.85
CA GLU A 367 -11.90 -20.00 2.75
C GLU A 367 -12.35 -19.00 1.69
N VAL A 368 -12.81 -17.82 2.10
CA VAL A 368 -13.40 -16.87 1.17
C VAL A 368 -12.37 -15.79 0.82
N LEU A 369 -11.78 -15.13 1.80
CA LEU A 369 -10.89 -14.00 1.51
C LEU A 369 -9.54 -14.47 0.94
N SER A 370 -8.85 -15.38 1.63
CA SER A 370 -7.50 -15.79 1.22
C SER A 370 -7.55 -16.63 -0.05
N THR A 371 -8.36 -17.70 -0.06
CA THR A 371 -8.45 -18.55 -1.24
C THR A 371 -9.00 -17.76 -2.44
N GLY A 372 -10.04 -16.99 -2.21
CA GLY A 372 -10.61 -16.15 -3.24
C GLY A 372 -9.63 -15.12 -3.79
N GLY A 373 -8.83 -14.52 -2.91
CA GLY A 373 -7.85 -13.53 -3.30
C GLY A 373 -6.76 -14.11 -4.15
N LEU A 374 -6.27 -15.26 -3.73
CA LEU A 374 -5.24 -15.99 -4.47
C LEU A 374 -5.71 -16.56 -5.79
N PHE A 375 -6.98 -16.98 -5.87
CA PHE A 375 -7.53 -17.62 -7.08
C PHE A 375 -8.79 -16.97 -7.65
N SER A 376 -8.78 -15.63 -7.66
CA SER A 376 -9.89 -14.83 -8.18
C SER A 376 -10.26 -15.20 -9.60
N ASP A 377 -9.24 -15.52 -10.41
CA ASP A 377 -9.43 -15.85 -11.84
C ASP A 377 -9.60 -17.33 -12.10
N GLY A 378 -9.82 -18.09 -11.03
CA GLY A 378 -10.00 -19.52 -11.11
C GLY A 378 -8.72 -20.36 -11.29
N GLY A 379 -7.56 -19.71 -11.20
CA GLY A 379 -6.29 -20.38 -11.43
C GLY A 379 -5.72 -20.26 -12.82
N ARG A 380 -6.40 -19.58 -13.73
CA ARG A 380 -6.00 -19.54 -15.13
C ARG A 380 -4.63 -18.90 -15.32
N SER A 381 -4.42 -17.76 -14.68
CA SER A 381 -3.10 -17.09 -14.73
C SER A 381 -1.98 -17.97 -14.18
N PHE A 382 -2.22 -18.58 -13.02
CA PHE A 382 -1.28 -19.54 -12.41
C PHE A 382 -1.01 -20.71 -13.35
N LEU A 383 -2.05 -21.26 -13.99
CA LEU A 383 -1.90 -22.47 -14.79
C LEU A 383 -1.11 -22.27 -16.09
N GLN A 384 -1.04 -21.04 -16.57
CA GLN A 384 -0.22 -20.72 -17.74
C GLN A 384 1.23 -21.15 -17.56
N ASN A 385 1.72 -21.07 -16.33
CA ASN A 385 3.08 -21.45 -16.01
C ASN A 385 3.41 -22.91 -16.26
N PHE A 386 2.39 -23.78 -16.21
CA PHE A 386 2.62 -25.22 -16.26
C PHE A 386 2.36 -25.79 -17.65
N LYS A 387 1.92 -24.97 -18.59
CA LYS A 387 1.69 -25.45 -19.97
C LYS A 387 2.98 -26.02 -20.60
N GLY A 388 2.90 -27.27 -21.06
CA GLY A 388 4.06 -27.98 -21.59
C GLY A 388 5.06 -28.50 -20.57
N ASP A 389 4.75 -28.37 -19.28
CA ASP A 389 5.70 -28.75 -18.22
C ASP A 389 5.20 -29.98 -17.46
N PHE A 390 6.12 -30.60 -16.73
CA PHE A 390 5.74 -31.62 -15.76
C PHE A 390 5.18 -30.92 -14.55
N VAL A 391 4.29 -31.61 -13.84
CA VAL A 391 3.75 -31.13 -12.58
C VAL A 391 4.41 -31.95 -11.49
N ASP A 392 5.12 -31.28 -10.58
CA ASP A 392 5.83 -31.98 -9.52
C ASP A 392 4.81 -32.68 -8.59
N PRO A 393 5.10 -33.93 -8.19
CA PRO A 393 4.22 -34.58 -7.20
C PRO A 393 3.99 -33.82 -5.91
N CYS A 394 4.91 -32.93 -5.54
CA CYS A 394 4.75 -32.23 -4.29
C CYS A 394 3.59 -31.21 -4.33
N LEU A 395 3.12 -30.86 -5.53
CA LEU A 395 1.93 -30.04 -5.69
C LEU A 395 0.61 -30.80 -5.53
N GLY A 396 0.67 -32.11 -5.32
CA GLY A 396 -0.55 -32.86 -5.08
C GLY A 396 -1.48 -32.73 -6.26
N ASP A 397 -2.75 -32.46 -6.00
CA ASP A 397 -3.72 -32.39 -7.09
C ASP A 397 -4.20 -30.96 -7.36
N LEU A 398 -3.42 -29.98 -6.88
CA LEU A 398 -3.78 -28.57 -7.02
C LEU A 398 -3.97 -28.18 -8.49
N ILE A 399 -3.09 -28.63 -9.39
CA ILE A 399 -3.17 -28.25 -10.81
C ILE A 399 -4.39 -28.90 -11.47
N LEU A 400 -4.63 -30.17 -11.14
CA LEU A 400 -5.83 -30.90 -11.58
C LEU A 400 -7.13 -30.19 -11.16
N ILE A 401 -7.21 -29.79 -9.90
CA ILE A 401 -8.41 -29.13 -9.39
C ILE A 401 -8.61 -27.73 -10.00
N LEU A 402 -7.54 -26.97 -10.14
CA LEU A 402 -7.61 -25.63 -10.75
C LEU A 402 -8.06 -25.72 -12.21
N ARG A 403 -7.70 -26.82 -12.88
CA ARG A 403 -8.11 -27.03 -14.28
C ARG A 403 -9.59 -27.39 -14.49
N LEU A 404 -10.29 -27.71 -13.43
CA LEU A 404 -11.69 -28.08 -13.53
C LEU A 404 -12.54 -26.89 -14.02
N PRO A 405 -13.57 -27.17 -14.84
CA PRO A 405 -14.49 -26.10 -15.23
C PRO A 405 -15.20 -25.49 -14.01
N SER A 406 -15.49 -24.20 -14.08
CA SER A 406 -16.12 -23.48 -12.97
C SER A 406 -17.43 -24.11 -12.53
N TRP A 407 -18.23 -24.54 -13.50
CA TRP A 407 -19.51 -25.17 -13.18
C TRP A 407 -19.33 -26.46 -12.41
N PHE A 408 -18.25 -27.19 -12.68
CA PHE A 408 -18.00 -28.47 -12.02
C PHE A 408 -17.46 -28.22 -10.60
N LYS A 409 -16.57 -27.26 -10.44
CA LYS A 409 -16.15 -26.83 -9.11
C LYS A 409 -17.37 -26.49 -8.23
N ARG A 410 -18.37 -25.90 -8.86
CA ARG A 410 -19.58 -25.46 -8.18
C ARG A 410 -20.41 -26.66 -7.76
N LEU A 411 -20.65 -27.56 -8.71
CA LEU A 411 -21.41 -28.77 -8.47
C LEU A 411 -20.72 -29.65 -7.40
N LEU A 412 -19.41 -29.88 -7.57
CA LEU A 412 -18.63 -30.68 -6.63
C LEU A 412 -18.72 -30.08 -5.24
N SER A 413 -18.65 -28.75 -5.18
CA SER A 413 -18.78 -28.00 -3.94
C SER A 413 -20.08 -28.30 -3.23
N LEU A 414 -21.19 -28.27 -3.98
CA LEU A 414 -22.53 -28.54 -3.40
C LEU A 414 -22.67 -29.97 -2.88
N LEU A 415 -22.09 -30.92 -3.60
CA LEU A 415 -22.12 -32.32 -3.22
C LEU A 415 -21.32 -32.60 -1.96
N LEU A 416 -20.17 -31.94 -1.83
CA LEU A 416 -19.29 -32.15 -0.68
C LEU A 416 -19.77 -31.44 0.57
N LYS A 417 -20.52 -30.34 0.40
CA LYS A 417 -20.78 -29.41 1.51
C LYS A 417 -21.33 -30.05 2.79
N PRO A 418 -22.35 -30.93 2.66
CA PRO A 418 -22.89 -31.55 3.87
C PRO A 418 -21.93 -32.45 4.67
N LEU A 419 -20.95 -33.07 4.01
CA LEU A 419 -20.00 -33.96 4.70
C LEU A 419 -18.64 -33.29 4.94
N PHE A 420 -18.15 -32.54 3.94
CA PHE A 420 -16.79 -31.99 3.96
C PHE A 420 -16.81 -30.51 3.62
N PRO A 421 -17.39 -29.69 4.51
CA PRO A 421 -17.63 -28.28 4.26
C PRO A 421 -16.37 -27.45 4.02
N ARG A 422 -15.25 -27.92 4.55
CA ARG A 422 -13.96 -27.26 4.34
C ARG A 422 -13.58 -27.42 2.91
N LEU A 423 -13.62 -28.64 2.45
CA LEU A 423 -13.24 -28.95 1.09
C LEU A 423 -14.17 -28.26 0.09
N ALA A 424 -15.47 -28.25 0.41
CA ALA A 424 -16.48 -27.57 -0.41
C ALA A 424 -16.22 -26.07 -0.51
N ALA A 425 -15.82 -25.46 0.59
CA ALA A 425 -15.60 -24.01 0.60
C ALA A 425 -14.38 -23.63 -0.22
N PHE A 426 -13.27 -24.35 -0.06
CA PHE A 426 -12.08 -24.10 -0.89
C PHE A 426 -12.42 -24.24 -2.37
N LEU A 427 -13.15 -25.28 -2.75
CA LEU A 427 -13.51 -25.49 -4.16
C LEU A 427 -14.34 -24.37 -4.76
N ASN A 428 -15.38 -23.97 -4.04
CA ASN A 428 -16.25 -22.89 -4.49
C ASN A 428 -15.52 -21.57 -4.67
N ASN A 429 -14.51 -21.32 -3.83
CA ASN A 429 -13.82 -20.04 -3.80
C ASN A 429 -12.58 -19.99 -4.71
N MET A 430 -12.29 -21.10 -5.38
CA MET A 430 -11.24 -21.18 -6.42
C MET A 430 -11.82 -21.06 -7.83
N ARG A 431 -13.04 -20.55 -7.93
CA ARG A 431 -13.72 -20.34 -9.22
C ARG A 431 -13.41 -18.94 -9.78
N PRO A 432 -13.44 -18.79 -11.11
CA PRO A 432 -13.23 -17.49 -11.71
C PRO A 432 -14.41 -16.55 -11.46
N ARG A 433 -14.16 -15.25 -11.46
CA ARG A 433 -15.20 -14.25 -11.23
C ARG A 433 -14.90 -12.96 -12.00
N SER A 434 -15.87 -12.05 -11.98
CA SER A 434 -15.81 -10.75 -12.65
C SER A 434 -14.96 -9.79 -11.85
N ALA A 435 -14.51 -8.70 -12.48
CA ALA A 435 -13.81 -7.66 -11.73
C ALA A 435 -14.77 -7.07 -10.68
N GLU A 436 -16.06 -6.99 -11.01
CA GLU A 436 -17.05 -6.51 -10.05
C GLU A 436 -16.98 -7.28 -8.74
N LYS A 437 -16.91 -8.60 -8.85
CA LYS A 437 -16.83 -9.43 -7.65
C LYS A 437 -15.49 -9.38 -6.96
N LEU A 438 -14.42 -9.15 -7.72
CA LEU A 438 -13.11 -9.00 -7.10
C LEU A 438 -13.10 -7.72 -6.25
N TRP A 439 -13.70 -6.65 -6.75
CA TRP A 439 -13.84 -5.42 -5.97
C TRP A 439 -14.52 -5.72 -4.66
N LYS A 440 -15.61 -6.47 -4.72
CA LYS A 440 -16.36 -6.85 -3.53
C LYS A 440 -15.50 -7.62 -2.54
N LEU A 441 -14.68 -8.53 -3.07
CA LEU A 441 -13.74 -9.29 -2.25
C LEU A 441 -12.64 -8.42 -1.63
N GLN A 442 -12.10 -7.50 -2.43
CA GLN A 442 -11.01 -6.62 -1.92
C GLN A 442 -11.57 -5.70 -0.81
N HIS A 443 -12.83 -5.27 -0.94
CA HIS A 443 -13.46 -4.46 0.11
C HIS A 443 -13.67 -5.29 1.39
N GLU A 444 -14.14 -6.52 1.21
CA GLU A 444 -14.26 -7.46 2.35
C GLU A 444 -12.92 -7.73 3.06
N ILE A 445 -11.85 -7.86 2.29
CA ILE A 445 -10.52 -8.00 2.86
C ILE A 445 -10.16 -6.78 3.71
N GLU A 446 -10.43 -5.61 3.18
CA GLU A 446 -10.07 -4.36 3.86
C GLU A 446 -10.87 -4.22 5.15
N MET A 447 -12.15 -4.55 5.08
CA MET A 447 -13.01 -4.43 6.26
CA MET A 447 -13.01 -4.42 6.25
C MET A 447 -12.59 -5.49 7.27
N TYR A 448 -12.23 -6.67 6.83
CA TYR A 448 -11.82 -7.73 7.73
C TYR A 448 -10.59 -7.31 8.53
N ARG A 449 -9.59 -6.77 7.84
CA ARG A 449 -8.38 -6.25 8.50
C ARG A 449 -8.77 -5.26 9.59
N GLN A 450 -9.65 -4.32 9.25
CA GLN A 450 -10.09 -3.33 10.23
C GLN A 450 -10.88 -3.96 11.40
N SER A 451 -11.62 -5.04 11.16
CA SER A 451 -12.33 -5.75 12.24
C SER A 451 -11.37 -6.40 13.25
N VAL A 452 -10.28 -6.97 12.77
CA VAL A 452 -9.31 -7.62 13.63
C VAL A 452 -8.49 -6.57 14.37
N ILE A 453 -8.13 -5.49 13.70
CA ILE A 453 -7.48 -4.37 14.39
C ILE A 453 -8.40 -3.82 15.51
N ALA A 454 -9.69 -3.70 15.25
CA ALA A 454 -10.64 -3.26 16.30
C ALA A 454 -10.73 -4.22 17.50
N GLN A 455 -10.71 -5.53 17.26
CA GLN A 455 -10.64 -6.52 18.35
C GLN A 455 -9.39 -6.32 19.20
N TRP A 456 -8.29 -6.17 18.49
CA TRP A 456 -6.96 -6.01 19.07
C TRP A 456 -6.91 -4.79 19.98
N LYS A 457 -7.35 -3.65 19.48
CA LYS A 457 -7.42 -2.41 20.25
C LYS A 457 -8.39 -2.53 21.43
N ALA A 458 -9.50 -3.24 21.24
CA ALA A 458 -10.45 -3.42 22.33
C ALA A 458 -9.84 -4.16 23.52
N MET A 459 -8.90 -5.07 23.26
CA MET A 459 -8.20 -5.82 24.32
C MET A 459 -6.89 -5.17 24.70
N ASN A 460 -6.59 -4.02 24.10
CA ASN A 460 -5.33 -3.29 24.29
C ASN A 460 -4.09 -4.18 24.18
N LEU A 461 -4.05 -5.01 23.15
CA LEU A 461 -2.91 -5.88 22.92
C LEU A 461 -1.72 -5.10 22.41
N ASP A 462 -0.53 -5.56 22.77
CA ASP A 462 0.70 -5.12 22.12
C ASP A 462 1.07 -6.12 21.01
N VAL A 463 1.03 -7.42 21.34
CA VAL A 463 1.44 -8.47 20.45
C VAL A 463 0.49 -9.68 20.60
N LEU A 464 0.64 -10.65 19.71
CA LEU A 464 -0.15 -11.91 19.73
C LEU A 464 0.74 -13.10 19.54
N LEU A 465 0.53 -14.11 20.38
CA LEU A 465 1.23 -15.39 20.38
C LEU A 465 0.29 -16.47 19.85
N THR A 466 0.75 -17.23 18.86
CA THR A 466 -0.09 -18.26 18.26
C THR A 466 0.70 -19.53 18.06
N PRO A 467 0.00 -20.64 17.85
CA PRO A 467 0.73 -21.82 17.46
C PRO A 467 1.34 -21.64 16.07
N MET A 468 2.36 -22.44 15.77
CA MET A 468 2.93 -22.53 14.44
C MET A 468 2.93 -24.00 14.02
N LEU A 469 2.57 -24.26 12.79
CA LEU A 469 2.52 -25.63 12.30
C LEU A 469 3.85 -26.35 12.49
N GLY A 470 3.74 -27.49 13.12
CA GLY A 470 4.72 -28.52 12.98
C GLY A 470 4.60 -29.57 14.04
N PRO A 471 5.31 -30.67 13.85
CA PRO A 471 6.73 -30.66 13.53
C PRO A 471 6.69 -30.87 11.99
N ALA A 472 7.84 -30.93 11.33
CA ALA A 472 7.86 -31.05 9.87
C ALA A 472 7.02 -32.22 9.37
N LEU A 473 6.30 -31.99 8.25
CA LEU A 473 5.55 -33.05 7.61
C LEU A 473 6.44 -33.93 6.74
N ASP A 474 6.02 -35.16 6.48
CA ASP A 474 6.72 -36.03 5.57
C ASP A 474 6.79 -35.43 4.15
N LEU A 475 7.82 -35.80 3.39
CA LEU A 475 7.96 -35.37 2.00
C LEU A 475 6.69 -35.69 1.20
N ASN A 476 6.27 -34.75 0.36
CA ASN A 476 5.12 -34.92 -0.53
C ASN A 476 3.75 -34.98 0.13
N THR A 477 3.67 -34.60 1.39
CA THR A 477 2.37 -34.42 2.07
C THR A 477 1.88 -32.99 2.26
N PRO A 478 2.76 -31.98 2.36
CA PRO A 478 2.15 -30.65 2.39
C PRO A 478 1.10 -30.39 1.30
N GLY A 479 1.36 -30.87 0.10
CA GLY A 479 0.45 -30.68 -1.05
C GLY A 479 -0.90 -31.31 -0.86
N ARG A 480 -1.03 -32.15 0.15
CA ARG A 480 -2.26 -32.88 0.36
C ARG A 480 -2.84 -32.55 1.73
N ALA A 481 -2.25 -31.57 2.39
CA ALA A 481 -2.72 -31.06 3.68
C ALA A 481 -2.83 -29.53 3.63
N THR A 482 -3.70 -29.05 2.74
CA THR A 482 -3.79 -27.59 2.50
C THR A 482 -4.41 -26.85 3.69
N GLY A 483 -5.28 -27.53 4.47
CA GLY A 483 -5.98 -26.91 5.58
C GLY A 483 -4.99 -26.40 6.62
N ALA A 484 -3.83 -27.06 6.71
CA ALA A 484 -2.76 -26.75 7.70
C ALA A 484 -2.05 -25.39 7.55
N VAL A 485 -2.31 -24.68 6.45
CA VAL A 485 -1.78 -23.34 6.27
C VAL A 485 -2.58 -22.31 7.08
N SER A 486 -3.61 -22.76 7.82
CA SER A 486 -4.49 -21.83 8.54
C SER A 486 -3.74 -20.92 9.50
N TYR A 487 -2.74 -21.46 10.20
CA TYR A 487 -2.01 -20.71 11.21
C TYR A 487 -1.24 -19.55 10.63
N THR A 488 -0.68 -19.75 9.44
CA THR A 488 0.13 -18.75 8.81
C THR A 488 -0.62 -17.84 7.84
N MET A 489 -1.43 -18.43 6.96
CA MET A 489 -2.08 -17.66 5.91
C MET A 489 -2.98 -16.54 6.43
N LEU A 490 -3.53 -16.70 7.63
CA LEU A 490 -4.37 -15.69 8.26
C LEU A 490 -3.69 -14.31 8.27
N TYR A 491 -2.36 -14.25 8.52
CA TYR A 491 -1.64 -12.97 8.66
C TYR A 491 -1.05 -12.48 7.37
N ASN A 492 -1.09 -13.33 6.33
CA ASN A 492 -0.96 -12.84 4.96
C ASN A 492 -2.23 -12.11 4.52
N CYS A 493 -3.39 -12.72 4.78
CA CYS A 493 -4.69 -12.10 4.57
C CYS A 493 -4.80 -10.75 5.29
N LEU A 494 -4.46 -10.70 6.58
CA LEU A 494 -4.49 -9.46 7.37
C LEU A 494 -3.31 -8.50 7.12
N ASP A 495 -2.24 -9.01 6.52
CA ASP A 495 -1.01 -8.31 6.23
C ASP A 495 -0.49 -7.67 7.52
N PHE A 496 -0.28 -8.52 8.52
CA PHE A 496 0.39 -8.14 9.77
C PHE A 496 1.75 -8.83 9.75
N PRO A 497 2.78 -8.18 10.33
CA PRO A 497 4.07 -8.86 10.46
C PRO A 497 3.94 -10.07 11.37
N ALA A 498 4.58 -11.18 11.01
CA ALA A 498 4.48 -12.44 11.77
C ALA A 498 5.84 -13.16 11.64
N GLY A 499 6.36 -13.65 12.75
CA GLY A 499 7.61 -14.40 12.74
C GLY A 499 7.55 -15.62 13.60
N VAL A 500 8.52 -16.50 13.44
CA VAL A 500 8.55 -17.74 14.16
C VAL A 500 9.89 -17.93 14.84
N VAL A 501 9.84 -18.55 16.01
CA VAL A 501 11.01 -18.81 16.81
C VAL A 501 10.87 -20.25 17.27
N PRO A 502 11.95 -21.04 17.14
CA PRO A 502 11.95 -22.38 17.71
C PRO A 502 11.95 -22.35 19.23
N VAL A 503 11.13 -23.20 19.87
CA VAL A 503 11.02 -23.18 21.33
C VAL A 503 11.18 -24.55 22.00
N THR A 504 11.04 -25.63 21.25
CA THR A 504 11.08 -26.97 21.83
C THR A 504 11.37 -28.01 20.75
N THR A 505 11.54 -29.26 21.17
CA THR A 505 11.63 -30.41 20.23
C THR A 505 10.60 -31.47 20.59
N VAL A 506 10.15 -32.21 19.59
CA VAL A 506 9.19 -33.33 19.81
C VAL A 506 9.75 -34.42 20.73
N THR A 507 8.98 -34.73 21.79
CA THR A 507 9.31 -35.78 22.73
C THR A 507 8.65 -37.08 22.28
N ALA A 508 9.07 -38.21 22.85
CA ALA A 508 8.48 -39.51 22.53
C ALA A 508 6.97 -39.51 22.80
N GLU A 509 6.58 -38.88 23.92
CA GLU A 509 5.17 -38.74 24.28
C GLU A 509 4.42 -37.91 23.24
N ASP A 510 4.96 -36.74 22.91
CA ASP A 510 4.37 -35.85 21.90
C ASP A 510 4.05 -36.65 20.63
N ASP A 511 5.03 -37.43 20.18
CA ASP A 511 4.92 -38.19 18.94
C ASP A 511 3.90 -39.32 19.05
N ALA A 512 3.98 -40.07 20.15
CA ALA A 512 3.04 -41.14 20.41
C ALA A 512 1.61 -40.62 20.40
N GLN A 513 1.36 -39.47 21.02
CA GLN A 513 -0.01 -38.96 21.05
C GLN A 513 -0.60 -38.49 19.75
N MET A 514 0.20 -38.39 18.74
CA MET A 514 -0.34 -38.17 17.40
C MET A 514 -1.31 -39.25 16.98
N GLU A 515 -1.21 -40.44 17.57
CA GLU A 515 -2.18 -41.48 17.30
C GLU A 515 -3.62 -41.07 17.67
N LEU A 516 -3.75 -40.16 18.63
CA LEU A 516 -5.06 -39.73 19.14
C LEU A 516 -5.58 -38.46 18.41
N TYR A 517 -4.81 -37.96 17.45
CA TYR A 517 -5.17 -36.79 16.66
C TYR A 517 -6.37 -37.10 15.77
N LYS A 518 -7.44 -36.31 15.85
CA LYS A 518 -8.62 -36.53 14.97
C LYS A 518 -8.93 -35.38 13.98
N GLY A 519 -8.49 -34.17 14.31
CA GLY A 519 -8.87 -33.02 13.52
C GLY A 519 -10.27 -32.55 13.88
N TYR A 520 -10.56 -31.30 13.54
CA TYR A 520 -11.86 -30.74 13.79
C TYR A 520 -12.87 -31.13 12.71
N PHE A 521 -12.39 -31.52 11.54
CA PHE A 521 -13.28 -31.81 10.38
C PHE A 521 -13.35 -33.27 9.99
N GLY A 522 -12.27 -33.99 10.21
CA GLY A 522 -12.21 -35.38 9.80
C GLY A 522 -12.26 -35.60 8.29
N ASP A 523 -11.83 -34.60 7.52
CA ASP A 523 -11.70 -34.70 6.05
C ASP A 523 -10.29 -35.18 5.66
N ILE A 524 -10.03 -35.31 4.36
CA ILE A 524 -8.75 -35.87 3.88
C ILE A 524 -7.54 -35.10 4.42
N TRP A 525 -7.68 -33.80 4.57
CA TRP A 525 -6.60 -32.95 5.07
C TRP A 525 -6.21 -33.24 6.52
N ASP A 526 -7.21 -33.56 7.34
CA ASP A 526 -6.96 -33.99 8.73
C ASP A 526 -6.26 -35.34 8.77
N ILE A 527 -6.71 -36.24 7.90
CA ILE A 527 -6.20 -37.60 7.84
C ILE A 527 -4.74 -37.59 7.39
N ILE A 528 -4.44 -36.80 6.37
CA ILE A 528 -3.07 -36.70 5.84
C ILE A 528 -2.15 -36.08 6.88
N LEU A 529 -2.62 -35.01 7.55
CA LEU A 529 -1.82 -34.31 8.55
C LEU A 529 -1.44 -35.19 9.72
N LYS A 530 -2.37 -36.03 10.21
CA LYS A 530 -2.11 -37.02 11.25
C LYS A 530 -0.96 -37.96 10.88
N LYS A 531 -1.02 -38.55 9.69
CA LYS A 531 0.07 -39.39 9.19
C LYS A 531 1.38 -38.65 8.94
N ALA A 532 1.29 -37.47 8.33
CA ALA A 532 2.44 -36.69 7.94
C ALA A 532 3.32 -36.23 9.12
N MET A 533 2.71 -36.00 10.29
CA MET A 533 3.45 -35.44 11.44
C MET A 533 3.97 -36.51 12.36
N LYS A 534 3.70 -37.77 12.05
CA LYS A 534 4.27 -38.90 12.80
C LYS A 534 5.76 -39.03 12.51
N ASN A 535 6.44 -39.74 13.39
CA ASN A 535 7.84 -40.07 13.21
C ASN A 535 8.72 -38.85 13.24
N SER A 536 8.47 -38.00 14.24
CA SER A 536 9.11 -36.71 14.35
C SER A 536 9.86 -36.48 15.64
N VAL A 537 10.22 -37.53 16.38
CA VAL A 537 10.91 -37.33 17.67
C VAL A 537 12.25 -36.64 17.43
N GLY A 538 12.53 -35.62 18.23
CA GLY A 538 13.76 -34.83 18.11
C GLY A 538 13.64 -33.62 17.21
N LEU A 539 12.56 -33.51 16.44
CA LEU A 539 12.43 -32.41 15.47
C LEU A 539 11.99 -31.13 16.14
N PRO A 540 12.46 -29.96 15.65
CA PRO A 540 12.05 -28.68 16.21
C PRO A 540 10.59 -28.30 16.06
N VAL A 541 10.10 -27.51 17.03
CA VAL A 541 8.75 -26.95 17.05
C VAL A 541 8.80 -25.50 17.53
N ALA A 542 8.07 -24.67 16.82
CA ALA A 542 8.07 -23.21 16.97
C ALA A 542 6.73 -22.69 17.46
N VAL A 543 6.73 -21.41 17.84
CA VAL A 543 5.52 -20.62 17.98
C VAL A 543 5.63 -19.41 17.04
N GLN A 544 4.49 -18.75 16.81
CA GLN A 544 4.38 -17.58 15.93
C GLN A 544 4.08 -16.27 16.75
N CYS A 545 4.75 -15.21 16.33
CA CYS A 545 4.70 -13.95 17.08
C CYS A 545 4.17 -12.95 16.06
N VAL A 546 3.11 -12.25 16.41
CA VAL A 546 2.44 -11.36 15.51
C VAL A 546 2.34 -9.93 16.08
N ALA A 547 2.47 -8.91 15.22
CA ALA A 547 2.17 -7.51 15.69
C ALA A 547 1.34 -6.79 14.64
N LEU A 548 0.96 -5.54 14.90
CA LEU A 548 0.13 -4.78 13.94
C LEU A 548 0.93 -4.37 12.71
N PRO A 549 0.26 -3.97 11.65
CA PRO A 549 0.99 -3.52 10.47
C PRO A 549 2.05 -2.45 10.79
N TRP A 550 3.18 -2.53 10.11
CA TRP A 550 4.34 -1.65 10.29
C TRP A 550 5.05 -1.78 11.63
N GLN A 551 4.69 -2.78 12.42
CA GLN A 551 5.32 -2.96 13.76
C GLN A 551 6.31 -4.13 13.77
N GLU A 552 7.21 -4.16 12.76
CA GLU A 552 8.19 -5.25 12.67
C GLU A 552 9.10 -5.19 13.88
N GLU A 553 9.44 -4.00 14.33
CA GLU A 553 10.38 -3.89 15.44
C GLU A 553 9.77 -4.45 16.73
N LEU A 554 8.48 -4.23 16.94
CA LEU A 554 7.79 -4.77 18.10
C LEU A 554 7.69 -6.29 17.99
N CYS A 555 7.31 -6.76 16.81
CA CYS A 555 7.30 -8.20 16.54
C CYS A 555 8.66 -8.83 16.95
N LEU A 556 9.78 -8.21 16.50
CA LEU A 556 11.15 -8.69 16.78
C LEU A 556 11.46 -8.60 18.27
N ARG A 557 10.92 -7.58 18.92
CA ARG A 557 11.17 -7.40 20.36
C ARG A 557 10.52 -8.55 21.13
N PHE A 558 9.38 -9.00 20.61
CA PHE A 558 8.63 -10.09 21.23
C PHE A 558 9.29 -11.43 20.88
N MET A 559 9.66 -11.64 19.63
CA MET A 559 10.43 -12.85 19.24
C MET A 559 11.70 -12.99 20.09
N ARG A 560 12.37 -11.87 20.30
CA ARG A 560 13.59 -11.84 21.13
C ARG A 560 13.31 -12.30 22.55
N GLU A 561 12.19 -11.87 23.10
CA GLU A 561 11.74 -12.31 24.45
C GLU A 561 11.45 -13.81 24.53
N VAL A 562 10.69 -14.31 23.55
CA VAL A 562 10.40 -15.74 23.48
C VAL A 562 11.71 -16.56 23.41
N GLU A 563 12.63 -16.17 22.52
CA GLU A 563 13.85 -16.89 22.30
C GLU A 563 14.71 -16.88 23.59
N GLN A 564 14.76 -15.74 24.29
CA GLN A 564 15.53 -15.65 25.53
C GLN A 564 14.91 -16.51 26.66
N LEU A 565 13.58 -16.57 26.73
CA LEU A 565 12.88 -17.35 27.76
C LEU A 565 12.90 -18.84 27.49
N MET A 566 12.73 -19.24 26.24
CA MET A 566 12.63 -20.65 25.89
C MET A 566 13.95 -21.29 25.49
N THR A 567 14.88 -20.50 24.95
CA THR A 567 16.15 -21.02 24.44
C THR A 567 17.29 -20.09 24.83
N PRO A 568 17.54 -19.98 26.10
CA PRO A 568 18.59 -19.08 26.55
C PRO A 568 19.87 -18.69 25.84
N GLN A 569 20.60 -19.77 25.59
CA GLN A 569 21.93 -19.82 25.01
C GLN A 569 21.92 -19.40 23.59
N LYS A 570 20.76 -19.04 23.13
CA LYS A 570 20.60 -18.60 21.77
C LYS A 570 20.56 -17.09 21.81
N ARG B 28 -39.77 8.86 -8.36
CA ARG B 28 -38.73 9.73 -7.72
C ARG B 28 -39.19 10.27 -6.37
N GLN B 29 -40.25 9.68 -5.82
CA GLN B 29 -40.86 10.19 -4.60
C GLN B 29 -39.85 10.20 -3.43
N LYS B 30 -39.13 9.10 -3.27
CA LYS B 30 -38.09 8.98 -2.25
C LYS B 30 -37.01 10.03 -2.42
N ALA B 31 -36.59 10.25 -3.66
CA ALA B 31 -35.53 11.22 -3.97
C ALA B 31 -35.99 12.65 -3.70
N ARG B 32 -37.24 12.97 -4.05
CA ARG B 32 -37.82 14.30 -3.77
C ARG B 32 -37.91 14.56 -2.27
N GLY B 33 -38.40 13.57 -1.53
CA GLY B 33 -38.49 13.65 -0.08
C GLY B 33 -37.12 13.85 0.55
N ALA B 34 -36.13 13.13 0.02
CA ALA B 34 -34.75 13.27 0.49
C ALA B 34 -34.23 14.70 0.26
N ALA B 35 -34.51 15.26 -0.91
CA ALA B 35 -34.08 16.62 -1.23
C ALA B 35 -34.76 17.64 -0.30
N THR B 36 -36.05 17.45 -0.07
CA THR B 36 -36.79 18.29 0.83
C THR B 36 -36.20 18.28 2.23
N ARG B 37 -35.91 17.09 2.74
CA ARG B 37 -35.33 16.92 4.09
C ARG B 37 -33.92 17.50 4.22
N ALA B 38 -33.12 17.29 3.18
CA ALA B 38 -31.75 17.82 3.18
C ALA B 38 -31.74 19.37 3.13
N ARG B 39 -32.62 19.95 2.32
CA ARG B 39 -32.73 21.40 2.22
C ARG B 39 -33.20 22.00 3.54
N GLN B 40 -34.15 21.34 4.18
CA GLN B 40 -34.63 21.72 5.51
C GLN B 40 -33.49 21.72 6.53
N LYS B 41 -32.68 20.66 6.49
CA LYS B 41 -31.56 20.50 7.41
C LYS B 41 -30.49 21.56 7.17
N GLN B 42 -30.25 21.88 5.90
CA GLN B 42 -29.28 22.93 5.55
C GLN B 42 -29.72 24.29 6.07
N ARG B 43 -30.98 24.60 5.84
CA ARG B 43 -31.56 25.88 6.24
C ARG B 43 -31.49 26.06 7.74
N ALA B 44 -31.83 25.00 8.50
CA ALA B 44 -31.79 25.02 9.96
C ALA B 44 -30.36 25.17 10.50
N SER B 45 -29.42 24.46 9.88
CA SER B 45 -27.99 24.62 10.17
C SER B 45 -27.51 26.05 10.05
N LEU B 46 -27.81 26.68 8.92
CA LEU B 46 -27.34 28.05 8.68
C LEU B 46 -27.99 29.04 9.64
N GLU B 47 -29.24 28.80 10.01
CA GLU B 47 -29.88 29.53 11.06
C GLU B 47 -29.15 29.37 12.38
N THR B 48 -28.80 28.15 12.74
CA THR B 48 -28.11 27.90 14.00
C THR B 48 -26.78 28.64 14.03
N MET B 49 -26.08 28.64 12.90
CA MET B 49 -24.82 29.36 12.74
C MET B 49 -25.00 30.84 12.99
N ASP B 50 -25.99 31.42 12.31
CA ASP B 50 -26.29 32.84 12.43
C ASP B 50 -26.60 33.21 13.89
N LYS B 51 -27.44 32.44 14.55
CA LYS B 51 -27.81 32.73 15.95
C LYS B 51 -26.60 32.68 16.88
N ALA B 52 -25.74 31.70 16.67
CA ALA B 52 -24.51 31.54 17.47
C ALA B 52 -23.54 32.71 17.26
N VAL B 53 -23.44 33.17 16.02
CA VAL B 53 -22.56 34.29 15.67
C VAL B 53 -23.08 35.60 16.31
N GLN B 54 -24.38 35.84 16.19
CA GLN B 54 -25.01 37.05 16.77
C GLN B 54 -24.87 37.09 18.29
N ARG B 55 -25.02 35.93 18.93
CA ARG B 55 -24.81 35.80 20.37
C ARG B 55 -23.40 36.22 20.75
N PHE B 56 -22.39 35.63 20.09
CA PHE B 56 -21.00 36.00 20.34
C PHE B 56 -20.80 37.49 20.12
N ARG B 57 -21.35 38.01 19.03
CA ARG B 57 -21.19 39.43 18.69
C ARG B 57 -21.81 40.35 19.72
N LEU B 58 -22.95 39.95 20.30
CA LEU B 58 -23.60 40.72 21.37
C LEU B 58 -22.71 40.82 22.60
N GLN B 59 -22.04 39.73 22.93
CA GLN B 59 -21.19 39.68 24.12
C GLN B 59 -19.77 40.20 23.86
N ASN B 60 -19.45 40.44 22.60
CA ASN B 60 -18.09 40.82 22.19
C ASN B 60 -18.13 41.89 21.08
N PRO B 61 -18.70 43.06 21.38
CA PRO B 61 -18.82 44.12 20.35
C PRO B 61 -17.49 44.75 19.90
N ASP B 62 -16.45 44.67 20.73
CA ASP B 62 -15.18 45.37 20.48
C ASP B 62 -14.14 44.55 19.68
N LEU B 63 -14.49 43.34 19.26
CA LEU B 63 -13.52 42.52 18.53
C LEU B 63 -13.31 43.05 17.11
N ASP B 64 -12.05 43.13 16.70
CA ASP B 64 -11.71 43.45 15.32
C ASP B 64 -11.73 42.17 14.48
N SER B 65 -12.79 42.02 13.69
CA SER B 65 -12.99 40.81 12.90
C SER B 65 -12.14 40.77 11.65
N GLU B 66 -12.12 41.86 10.91
CA GLU B 66 -11.45 41.85 9.61
C GLU B 66 -9.95 41.58 9.72
N ALA B 67 -9.34 42.03 10.83
CA ALA B 67 -7.93 41.82 11.07
C ALA B 67 -7.65 40.37 11.40
N LEU B 68 -8.49 39.78 12.24
CA LEU B 68 -8.40 38.38 12.58
C LEU B 68 -8.50 37.53 11.32
N LEU B 69 -9.49 37.82 10.48
CA LEU B 69 -9.76 37.00 9.29
C LEU B 69 -8.66 37.07 8.23
N THR B 70 -7.88 38.13 8.25
CA THR B 70 -6.83 38.30 7.25
C THR B 70 -5.45 37.85 7.73
N LEU B 71 -5.32 37.44 8.98
CA LEU B 71 -4.07 36.87 9.46
C LEU B 71 -3.78 35.55 8.76
N PRO B 72 -2.54 35.37 8.25
CA PRO B 72 -2.19 34.02 7.77
C PRO B 72 -2.31 32.99 8.89
N LEU B 73 -2.55 31.72 8.53
CA LEU B 73 -2.84 30.69 9.52
C LEU B 73 -1.73 30.56 10.57
N LEU B 74 -0.48 30.59 10.13
CA LEU B 74 0.66 30.44 11.04
C LEU B 74 0.69 31.53 12.13
N GLN B 75 0.27 32.75 11.76
CA GLN B 75 0.17 33.85 12.74
C GLN B 75 -1.04 33.69 13.65
N LEU B 76 -2.17 33.31 13.06
CA LEU B 76 -3.35 32.98 13.84
C LEU B 76 -2.98 31.94 14.93
N VAL B 77 -2.30 30.86 14.53
CA VAL B 77 -1.95 29.77 15.46
C VAL B 77 -1.06 30.28 16.59
N GLN B 78 -0.05 31.08 16.26
CA GLN B 78 0.84 31.59 17.30
C GLN B 78 0.11 32.50 18.30
N LYS B 79 -0.84 33.29 17.82
CA LYS B 79 -1.68 34.10 18.68
C LYS B 79 -2.60 33.27 19.56
N LEU B 80 -3.13 32.18 19.03
CA LEU B 80 -3.92 31.22 19.81
C LEU B 80 -3.03 30.56 20.86
N GLN B 81 -1.84 30.18 20.44
CA GLN B 81 -0.88 29.54 21.32
C GLN B 81 -0.34 30.50 22.41
N SER B 82 -0.34 31.81 22.15
CA SER B 82 0.11 32.79 23.14
C SER B 82 -1.01 33.37 24.01
N GLY B 83 -2.26 33.06 23.70
CA GLY B 83 -3.40 33.65 24.41
C GLY B 83 -3.71 35.08 24.00
N GLU B 84 -3.10 35.54 22.90
CA GLU B 84 -3.37 36.89 22.43
C GLU B 84 -4.75 36.97 21.79
N LEU B 85 -5.16 35.87 21.15
CA LEU B 85 -6.54 35.66 20.72
C LEU B 85 -7.10 34.42 21.41
N SER B 86 -8.38 34.47 21.75
CA SER B 86 -9.08 33.34 22.34
C SER B 86 -9.60 32.45 21.22
N PRO B 87 -9.66 31.13 21.44
CA PRO B 87 -10.29 30.25 20.43
C PRO B 87 -11.76 30.63 20.15
N GLU B 88 -12.44 31.18 21.14
CA GLU B 88 -13.84 31.54 20.97
C GLU B 88 -13.96 32.66 19.92
N ALA B 89 -13.12 33.68 20.04
CA ALA B 89 -13.07 34.80 19.09
C ALA B 89 -12.79 34.31 17.68
N VAL B 90 -11.76 33.47 17.55
CA VAL B 90 -11.38 32.95 16.25
C VAL B 90 -12.52 32.13 15.62
N PHE B 91 -13.09 31.22 16.39
CA PHE B 91 -14.14 30.33 15.88
C PHE B 91 -15.35 31.16 15.44
N PHE B 92 -15.83 32.07 16.28
CA PHE B 92 -17.08 32.79 15.94
C PHE B 92 -16.91 33.81 14.83
N THR B 93 -15.71 34.35 14.70
CA THR B 93 -15.40 35.31 13.62
C THR B 93 -15.41 34.61 12.28
N TYR B 94 -14.75 33.45 12.21
CA TYR B 94 -14.79 32.59 11.03
C TYR B 94 -16.19 32.03 10.78
N LEU B 95 -16.91 31.65 11.83
CA LEU B 95 -18.28 31.17 11.65
C LEU B 95 -19.10 32.25 10.93
N GLY B 96 -19.00 33.49 11.40
CA GLY B 96 -19.69 34.62 10.78
C GLY B 96 -19.30 34.86 9.32
N LYS B 97 -18.01 34.78 9.05
CA LYS B 97 -17.51 34.90 7.69
C LYS B 97 -17.99 33.76 6.81
N ALA B 98 -17.91 32.53 7.29
CA ALA B 98 -18.44 31.38 6.55
C ALA B 98 -19.91 31.54 6.17
N TRP B 99 -20.74 32.00 7.11
CA TRP B 99 -22.17 32.20 6.90
C TRP B 99 -22.42 33.25 5.81
N GLU B 100 -21.66 34.35 5.90
CA GLU B 100 -21.72 35.43 4.92
C GLU B 100 -21.33 35.01 3.50
N VAL B 101 -20.17 34.35 3.35
CA VAL B 101 -19.68 33.97 2.02
C VAL B 101 -20.55 32.87 1.43
N ASN B 102 -21.19 32.08 2.28
CA ASN B 102 -22.14 31.08 1.81
C ASN B 102 -23.32 31.67 1.07
N LYS B 103 -23.74 32.88 1.43
CA LYS B 103 -24.85 33.53 0.74
C LYS B 103 -24.65 33.58 -0.76
N GLY B 104 -23.43 33.87 -1.19
CA GLY B 104 -23.10 33.98 -2.61
C GLY B 104 -22.53 32.74 -3.28
N THR B 105 -22.18 31.72 -2.49
CA THR B 105 -21.53 30.51 -3.02
C THR B 105 -22.28 29.19 -2.82
N ASN B 106 -23.14 29.09 -1.80
CA ASN B 106 -23.81 27.84 -1.45
C ASN B 106 -22.78 26.70 -1.30
N CYS B 107 -21.76 26.94 -0.47
CA CYS B 107 -20.68 25.99 -0.25
C CYS B 107 -20.88 25.12 1.01
N VAL B 108 -21.70 25.58 1.94
CA VAL B 108 -21.91 24.92 3.23
C VAL B 108 -23.19 24.09 3.20
N THR B 109 -23.08 22.79 3.49
CA THR B 109 -24.26 21.92 3.60
C THR B 109 -24.74 21.71 5.03
N SER B 110 -23.82 21.77 5.99
CA SER B 110 -24.15 21.50 7.39
C SER B 110 -23.18 22.18 8.34
N TYR B 111 -23.73 22.66 9.44
CA TYR B 111 -22.99 23.19 10.57
C TYR B 111 -22.81 22.02 11.50
N LEU B 112 -21.58 21.80 11.95
CA LEU B 112 -21.26 20.57 12.67
C LEU B 112 -21.61 20.61 14.18
N THR B 113 -22.36 21.60 14.61
CA THR B 113 -23.21 21.57 15.82
C THR B 113 -22.49 21.46 17.13
N ASP B 114 -21.97 20.29 17.37
CA ASP B 114 -21.26 19.95 18.60
C ASP B 114 -19.96 20.73 18.72
N CYS B 115 -19.59 21.46 17.67
CA CYS B 115 -18.25 22.05 17.62
C CYS B 115 -18.02 23.11 18.68
N GLU B 116 -19.08 23.66 19.27
CA GLU B 116 -18.91 24.62 20.36
C GLU B 116 -18.44 23.93 21.66
N THR B 117 -18.76 22.64 21.82
CA THR B 117 -18.20 21.87 22.96
C THR B 117 -16.77 21.33 22.70
N GLN B 118 -16.42 21.01 21.44
CA GLN B 118 -15.02 20.69 21.09
C GLN B 118 -14.15 21.94 21.31
N LEU B 119 -14.69 23.08 20.91
CA LEU B 119 -14.08 24.38 21.17
C LEU B 119 -13.63 24.53 22.64
N SER B 120 -14.46 24.12 23.58
CA SER B 120 -14.14 24.27 24.99
C SER B 120 -13.20 23.16 25.48
N GLN B 121 -13.20 22.02 24.78
CA GLN B 121 -12.39 20.86 25.17
C GLN B 121 -11.09 20.70 24.35
N ALA B 122 -10.83 21.59 23.39
CA ALA B 122 -9.66 21.48 22.49
C ALA B 122 -8.34 21.46 23.28
N PRO B 123 -7.50 20.42 23.10
CA PRO B 123 -6.24 20.33 23.84
C PRO B 123 -5.30 21.53 23.60
N ARG B 124 -4.96 22.20 24.69
CA ARG B 124 -4.18 23.43 24.66
C ARG B 124 -2.84 23.29 23.97
N GLN B 125 -2.22 22.12 24.13
CA GLN B 125 -0.90 21.86 23.56
C GLN B 125 -0.99 21.31 22.14
N GLY B 126 -2.20 21.24 21.58
CA GLY B 126 -2.38 20.75 20.23
C GLY B 126 -1.77 21.69 19.20
N LEU B 127 -1.16 21.10 18.18
CA LEU B 127 -0.54 21.87 17.11
C LEU B 127 -1.53 22.77 16.38
N LEU B 128 -2.82 22.40 16.37
CA LEU B 128 -3.84 23.18 15.69
C LEU B 128 -4.83 23.82 16.68
N TYR B 129 -4.36 24.11 17.88
CA TYR B 129 -5.23 24.55 18.92
C TYR B 129 -6.01 25.80 18.49
N GLY B 130 -7.32 25.67 18.47
CA GLY B 130 -8.20 26.80 18.24
C GLY B 130 -8.46 27.07 16.78
N VAL B 131 -7.99 26.20 15.88
CA VAL B 131 -8.10 26.46 14.46
C VAL B 131 -9.38 25.85 13.93
N PRO B 132 -10.27 26.69 13.37
CA PRO B 132 -11.46 26.16 12.70
C PRO B 132 -11.10 25.49 11.39
N VAL B 133 -11.69 24.34 11.12
CA VAL B 133 -11.35 23.55 9.95
C VAL B 133 -12.64 23.18 9.22
N SER B 134 -12.66 23.34 7.90
CA SER B 134 -13.78 22.89 7.08
C SER B 134 -13.53 21.48 6.52
N LEU B 135 -14.59 20.70 6.38
CA LEU B 135 -14.49 19.33 5.90
C LEU B 135 -15.37 19.06 4.70
N LYS B 136 -14.78 18.54 3.63
CA LYS B 136 -15.55 17.95 2.56
C LYS B 136 -16.58 17.00 3.16
N GLU B 137 -17.75 16.94 2.55
CA GLU B 137 -18.89 16.25 3.14
C GLU B 137 -18.67 14.75 3.41
N CYS B 138 -17.71 14.15 2.70
CA CYS B 138 -17.38 12.73 2.86
C CYS B 138 -16.61 12.38 4.14
N PHE B 139 -16.08 13.38 4.85
CA PHE B 139 -15.35 13.13 6.10
C PHE B 139 -16.40 12.91 7.17
N SER B 140 -16.72 11.66 7.45
CA SER B 140 -17.81 11.31 8.36
C SER B 140 -17.69 12.07 9.69
N TYR B 141 -18.80 12.62 10.15
CA TYR B 141 -18.84 13.35 11.41
C TYR B 141 -20.03 12.84 12.22
N LYS B 142 -19.79 12.46 13.46
CA LYS B 142 -20.82 11.79 14.28
C LYS B 142 -22.11 12.59 14.24
N GLY B 143 -23.19 11.91 13.86
CA GLY B 143 -24.50 12.50 13.92
C GLY B 143 -24.93 13.24 12.67
N HIS B 144 -24.07 13.25 11.66
CA HIS B 144 -24.32 13.93 10.40
C HIS B 144 -24.29 12.97 9.23
N ASP B 145 -25.10 13.25 8.23
CA ASP B 145 -25.07 12.49 7.01
C ASP B 145 -23.85 12.87 6.25
N SER B 146 -23.39 11.92 5.45
CA SER B 146 -22.46 12.18 4.40
C SER B 146 -23.18 11.69 3.16
N THR B 147 -23.98 12.58 2.57
CA THR B 147 -24.89 12.21 1.49
C THR B 147 -24.18 11.98 0.16
N LEU B 148 -23.12 12.74 -0.10
CA LEU B 148 -22.48 12.74 -1.41
C LEU B 148 -23.48 13.22 -2.51
N GLY B 149 -24.58 13.87 -2.11
CA GLY B 149 -25.62 14.31 -3.05
C GLY B 149 -26.51 13.19 -3.51
N LEU B 150 -26.40 12.04 -2.86
CA LEU B 150 -27.16 10.86 -3.28
C LEU B 150 -28.28 10.64 -2.29
N SER B 151 -29.49 10.44 -2.82
CA SER B 151 -30.69 10.21 -2.02
C SER B 151 -30.59 8.99 -1.12
N LEU B 152 -29.84 8.00 -1.54
CA LEU B 152 -29.67 6.78 -0.77
C LEU B 152 -28.94 6.98 0.57
N ASN B 153 -28.16 8.04 0.66
CA ASN B 153 -27.40 8.35 1.87
C ASN B 153 -28.01 9.42 2.77
N GLU B 154 -29.18 9.93 2.39
CA GLU B 154 -29.85 10.93 3.19
C GLU B 154 -30.59 10.22 4.31
N GLY B 155 -30.47 10.76 5.52
CA GLY B 155 -31.18 10.21 6.68
C GLY B 155 -30.40 9.04 7.27
N MET B 156 -29.12 8.96 6.93
CA MET B 156 -28.23 7.90 7.41
C MET B 156 -27.04 8.53 8.10
N PRO B 157 -27.26 9.10 9.29
CA PRO B 157 -26.19 9.81 9.99
C PRO B 157 -25.06 8.91 10.46
N SER B 158 -23.84 9.44 10.43
CA SER B 158 -22.68 8.68 10.89
C SER B 158 -22.70 8.41 12.39
N GLU B 159 -22.27 7.21 12.77
CA GLU B 159 -22.22 6.80 14.17
C GLU B 159 -20.93 7.34 14.85
N SER B 160 -19.94 7.74 14.06
CA SER B 160 -18.67 8.25 14.61
C SER B 160 -17.91 9.14 13.65
N ASP B 161 -16.97 9.90 14.21
CA ASP B 161 -16.05 10.71 13.44
C ASP B 161 -15.09 9.76 12.73
N CYS B 162 -14.77 10.04 11.47
CA CYS B 162 -13.68 9.34 10.79
C CYS B 162 -12.35 9.63 11.52
N VAL B 163 -11.32 8.83 11.22
CA VAL B 163 -10.05 8.88 11.95
C VAL B 163 -9.38 10.26 11.80
N VAL B 164 -9.36 10.81 10.60
CA VAL B 164 -8.73 12.15 10.41
C VAL B 164 -9.45 13.26 11.18
N VAL B 165 -10.77 13.19 11.29
CA VAL B 165 -11.51 14.09 12.18
C VAL B 165 -11.09 13.93 13.66
N GLN B 166 -11.00 12.69 14.11
CA GLN B 166 -10.56 12.39 15.46
C GLN B 166 -9.20 13.01 15.72
N VAL B 167 -8.28 12.88 14.77
CA VAL B 167 -6.91 13.40 14.94
C VAL B 167 -6.91 14.92 14.96
N LEU B 168 -7.63 15.54 14.02
CA LEU B 168 -7.78 16.99 14.03
C LEU B 168 -8.24 17.48 15.40
N LYS B 169 -9.23 16.82 15.98
CA LYS B 169 -9.71 17.21 17.30
C LYS B 169 -8.69 16.99 18.41
N LEU B 170 -7.93 15.90 18.32
CA LEU B 170 -6.87 15.62 19.31
C LEU B 170 -5.73 16.64 19.21
N GLN B 171 -5.56 17.20 18.03
CA GLN B 171 -4.59 18.29 17.81
C GLN B 171 -5.19 19.68 18.12
N GLY B 172 -6.40 19.74 18.70
CA GLY B 172 -7.00 21.00 19.08
C GLY B 172 -7.76 21.75 18.00
N ALA B 173 -7.92 21.17 16.82
CA ALA B 173 -8.66 21.86 15.77
C ALA B 173 -10.16 21.74 16.03
N VAL B 174 -10.94 22.66 15.48
CA VAL B 174 -12.40 22.64 15.63
C VAL B 174 -13.09 22.53 14.27
N PRO B 175 -13.33 21.30 13.79
CA PRO B 175 -14.07 21.16 12.54
C PRO B 175 -15.46 21.75 12.72
N PHE B 176 -15.92 22.59 11.79
CA PHE B 176 -17.12 23.39 11.98
C PHE B 176 -18.20 23.27 10.89
N VAL B 177 -17.83 22.91 9.67
CA VAL B 177 -18.80 22.78 8.58
C VAL B 177 -18.51 21.61 7.69
N HIS B 178 -19.57 21.02 7.13
CA HIS B 178 -19.44 20.13 5.95
C HIS B 178 -19.65 21.01 4.73
N THR B 179 -18.83 20.82 3.72
CA THR B 179 -18.93 21.59 2.50
C THR B 179 -19.40 20.73 1.33
N ASN B 180 -20.02 21.39 0.36
CA ASN B 180 -20.68 20.75 -0.77
C ASN B 180 -19.77 19.99 -1.73
N VAL B 181 -20.34 18.99 -2.40
CA VAL B 181 -19.63 18.19 -3.40
C VAL B 181 -20.60 17.92 -4.55
N PRO B 182 -20.09 17.63 -5.74
CA PRO B 182 -20.95 17.14 -6.80
C PRO B 182 -21.52 15.77 -6.48
N GLN B 183 -22.72 15.49 -7.00
CA GLN B 183 -23.34 14.21 -6.80
C GLN B 183 -22.35 13.06 -7.06
N SER B 184 -22.26 12.11 -6.11
CA SER B 184 -21.32 10.96 -6.12
C SER B 184 -19.85 11.27 -5.88
N MET B 185 -19.49 12.56 -5.92
CA MET B 185 -18.09 13.08 -5.85
C MET B 185 -17.21 12.84 -7.11
N PHE B 186 -17.71 12.09 -8.09
CA PHE B 186 -16.91 11.75 -9.26
C PHE B 186 -17.18 12.75 -10.37
N SER B 187 -16.59 13.92 -10.23
CA SER B 187 -16.89 15.08 -11.07
C SER B 187 -15.98 16.19 -10.63
N TYR B 188 -15.56 17.04 -11.56
CA TYR B 188 -14.83 18.25 -11.20
C TYR B 188 -15.68 19.54 -11.30
N ASP B 189 -17.00 19.36 -11.29
CA ASP B 189 -17.94 20.45 -11.02
C ASP B 189 -18.44 20.27 -9.56
N CYS B 190 -19.52 20.96 -9.18
CA CYS B 190 -19.96 20.92 -7.79
C CYS B 190 -21.47 21.18 -7.59
N SER B 191 -22.29 20.30 -8.15
CA SER B 191 -23.71 20.37 -7.95
C SER B 191 -24.27 19.00 -7.62
N ASN B 192 -25.33 18.97 -6.81
CA ASN B 192 -26.10 17.76 -6.58
C ASN B 192 -27.59 18.09 -6.33
N PRO B 193 -28.49 17.12 -6.53
CA PRO B 193 -29.92 17.38 -6.35
C PRO B 193 -30.39 17.67 -4.93
N LEU B 194 -29.56 17.43 -3.91
CA LEU B 194 -29.97 17.66 -2.52
C LEU B 194 -29.77 19.11 -2.13
N PHE B 195 -28.55 19.61 -2.29
CA PHE B 195 -28.15 20.96 -1.82
C PHE B 195 -27.91 21.96 -2.96
N GLY B 196 -27.95 21.47 -4.21
CA GLY B 196 -27.82 22.33 -5.37
C GLY B 196 -26.39 22.62 -5.75
N GLN B 197 -26.18 23.81 -6.32
CA GLN B 197 -24.96 24.18 -7.03
C GLN B 197 -24.06 25.11 -6.21
N THR B 198 -22.79 24.77 -6.10
CA THR B 198 -21.79 25.66 -5.51
C THR B 198 -21.21 26.50 -6.66
N MET B 199 -20.97 27.78 -6.37
CA MET B 199 -20.44 28.74 -7.33
C MET B 199 -19.04 29.19 -6.97
N ASN B 200 -18.25 29.49 -7.99
CA ASN B 200 -16.94 30.07 -7.80
C ASN B 200 -17.06 31.46 -7.16
N PRO B 201 -16.30 31.72 -6.08
CA PRO B 201 -16.34 33.02 -5.42
C PRO B 201 -15.81 34.17 -6.27
N TRP B 202 -15.07 33.86 -7.32
CA TRP B 202 -14.52 34.89 -8.20
C TRP B 202 -15.52 35.36 -9.25
N LYS B 203 -16.40 34.47 -9.68
CA LYS B 203 -17.31 34.76 -10.79
C LYS B 203 -18.48 33.79 -10.74
N SER B 204 -19.70 34.31 -10.59
CA SER B 204 -20.87 33.48 -10.32
C SER B 204 -21.18 32.45 -11.39
N SER B 205 -20.78 32.75 -12.62
CA SER B 205 -21.00 31.84 -13.75
C SER B 205 -20.00 30.68 -13.86
N LYS B 206 -19.00 30.67 -12.99
CA LYS B 206 -17.92 29.70 -13.09
C LYS B 206 -18.07 28.59 -12.05
N SER B 207 -17.58 27.41 -12.40
CA SER B 207 -17.49 26.29 -11.48
C SER B 207 -16.42 26.63 -10.46
N PRO B 208 -16.62 26.25 -9.17
CA PRO B 208 -15.56 26.31 -8.18
C PRO B 208 -14.54 25.16 -8.33
N GLY B 209 -14.81 24.24 -9.25
CA GLY B 209 -14.10 23.00 -9.35
C GLY B 209 -14.70 22.00 -8.40
N GLY B 210 -14.08 20.84 -8.34
CA GLY B 210 -14.43 19.84 -7.40
C GLY B 210 -13.87 18.50 -7.74
N SER B 211 -14.03 17.65 -6.74
CA SER B 211 -15.28 17.31 -6.19
C SER B 211 -15.18 18.09 -4.82
N SER B 212 -13.98 18.53 -4.43
CA SER B 212 -13.79 19.35 -3.20
C SER B 212 -14.12 20.84 -3.45
N GLY B 213 -15.23 21.09 -4.11
CA GLY B 213 -15.59 22.42 -4.58
C GLY B 213 -16.04 23.35 -3.48
N GLY B 214 -16.81 22.82 -2.52
CA GLY B 214 -17.32 23.59 -1.40
C GLY B 214 -16.16 24.13 -0.59
N GLU B 215 -15.15 23.29 -0.40
CA GLU B 215 -13.92 23.66 0.30
C GLU B 215 -13.24 24.77 -0.45
N GLY B 216 -13.16 24.63 -1.76
CA GLY B 216 -12.46 25.61 -2.60
C GLY B 216 -13.15 26.95 -2.53
N ALA B 217 -14.49 26.93 -2.65
CA ALA B 217 -15.26 28.15 -2.56
C ALA B 217 -15.18 28.82 -1.19
N LEU B 218 -15.27 28.03 -0.13
CA LEU B 218 -15.22 28.60 1.23
C LEU B 218 -13.86 29.17 1.57
N ILE B 219 -12.82 28.38 1.31
CA ILE B 219 -11.46 28.79 1.63
C ILE B 219 -11.07 29.96 0.72
N GLY B 220 -11.42 29.86 -0.55
CA GLY B 220 -11.16 30.94 -1.48
C GLY B 220 -11.81 32.28 -1.16
N SER B 221 -12.93 32.26 -0.45
CA SER B 221 -13.67 33.48 -0.07
C SER B 221 -13.24 34.04 1.28
N GLY B 222 -12.43 33.30 2.02
CA GLY B 222 -11.97 33.72 3.33
C GLY B 222 -12.76 33.14 4.48
N GLY B 223 -13.63 32.18 4.20
CA GLY B 223 -14.54 31.59 5.20
C GLY B 223 -13.97 30.48 6.07
N SER B 224 -12.81 29.95 5.70
CA SER B 224 -12.12 28.97 6.52
C SER B 224 -10.61 29.06 6.25
N PRO B 225 -9.77 28.88 7.29
CA PRO B 225 -8.32 28.96 7.09
C PRO B 225 -7.72 27.67 6.59
N LEU B 226 -8.44 26.57 6.74
CA LEU B 226 -7.90 25.25 6.50
C LEU B 226 -9.07 24.30 6.23
N GLY B 227 -8.93 23.48 5.19
CA GLY B 227 -9.88 22.42 4.91
C GLY B 227 -9.23 21.11 4.48
N LEU B 228 -10.02 20.05 4.45
CA LEU B 228 -9.62 18.74 4.02
C LEU B 228 -10.50 18.35 2.87
N GLY B 229 -9.86 17.85 1.83
CA GLY B 229 -10.52 17.35 0.61
C GLY B 229 -10.05 15.95 0.30
N THR B 230 -10.55 15.41 -0.80
CA THR B 230 -10.09 14.12 -1.30
C THR B 230 -9.92 14.20 -2.83
N ASP B 231 -9.22 13.24 -3.42
CA ASP B 231 -8.73 13.37 -4.78
C ASP B 231 -8.52 11.99 -5.36
N ILE B 232 -9.21 11.68 -6.46
CA ILE B 232 -8.97 10.44 -7.22
C ILE B 232 -8.58 10.72 -8.71
N GLY B 233 -8.91 11.90 -9.21
CA GLY B 233 -8.54 12.34 -10.56
C GLY B 233 -8.27 13.84 -10.68
N GLY B 234 -8.17 14.51 -9.53
CA GLY B 234 -7.84 15.94 -9.43
C GLY B 234 -8.68 16.73 -8.42
N SER B 235 -9.56 16.04 -7.69
CA SER B 235 -10.56 16.72 -6.81
C SER B 235 -10.12 17.64 -5.65
N ILE B 236 -8.86 17.61 -5.29
CA ILE B 236 -8.28 18.64 -4.44
C ILE B 236 -7.68 19.77 -5.32
N ARG B 237 -7.17 19.38 -6.47
CA ARG B 237 -6.34 20.24 -7.28
C ARG B 237 -7.19 21.17 -8.14
N PHE B 238 -8.25 20.65 -8.73
CA PHE B 238 -9.18 21.50 -9.50
C PHE B 238 -9.77 22.64 -8.67
N PRO B 239 -10.41 22.35 -7.52
CA PRO B 239 -10.96 23.46 -6.76
C PRO B 239 -9.90 24.42 -6.24
N SER B 240 -8.72 23.88 -5.92
CA SER B 240 -7.63 24.73 -5.43
C SER B 240 -7.21 25.69 -6.56
N ALA B 241 -7.06 25.15 -7.77
CA ALA B 241 -6.67 25.99 -8.92
C ALA B 241 -7.73 27.02 -9.31
N PHE B 242 -8.98 26.57 -9.42
CA PHE B 242 -10.10 27.40 -9.94
C PHE B 242 -10.46 28.53 -8.96
N CYS B 243 -10.29 28.28 -7.65
CA CYS B 243 -10.60 29.27 -6.61
C CYS B 243 -9.39 30.05 -6.07
N GLY B 244 -8.19 29.76 -6.58
CA GLY B 244 -7.00 30.56 -6.24
C GLY B 244 -6.47 30.28 -4.86
N ILE B 245 -6.44 29.01 -4.48
CA ILE B 245 -5.89 28.56 -3.19
C ILE B 245 -4.88 27.46 -3.43
N CYS B 246 -4.23 27.01 -2.35
CA CYS B 246 -3.25 25.93 -2.40
C CYS B 246 -3.88 24.64 -1.90
N GLY B 247 -3.50 23.52 -2.52
CA GLY B 247 -3.90 22.21 -2.05
C GLY B 247 -2.86 21.16 -2.38
N LEU B 248 -2.85 20.06 -1.61
CA LEU B 248 -1.87 18.99 -1.80
C LEU B 248 -2.62 17.68 -1.78
N LYS B 249 -2.40 16.88 -2.82
CA LYS B 249 -2.84 15.47 -2.85
C LYS B 249 -1.60 14.61 -2.47
N PRO B 250 -1.53 14.10 -1.23
CA PRO B 250 -0.44 13.20 -0.86
C PRO B 250 -0.46 11.84 -1.58
N THR B 251 0.61 11.06 -1.40
CA THR B 251 0.58 9.63 -1.70
C THR B 251 -0.65 9.05 -1.03
N GLY B 252 -1.35 8.14 -1.72
CA GLY B 252 -2.63 7.67 -1.26
C GLY B 252 -2.69 7.14 0.17
N ASN B 253 -1.65 6.40 0.60
CA ASN B 253 -1.67 5.84 1.94
C ASN B 253 -0.79 6.61 2.96
N ARG B 254 -0.50 7.88 2.66
CA ARG B 254 0.21 8.71 3.64
C ARG B 254 -0.74 9.07 4.79
N LEU B 255 -2.03 9.26 4.48
CA LEU B 255 -3.02 9.63 5.54
C LEU B 255 -4.19 8.63 5.56
N SER B 256 -4.83 8.48 6.72
CA SER B 256 -5.87 7.45 6.90
C SER B 256 -7.17 7.78 6.17
N LYS B 257 -7.67 6.83 5.38
CA LYS B 257 -9.03 6.95 4.80
C LYS B 257 -10.08 6.20 5.63
N SER B 258 -9.73 5.82 6.85
CA SER B 258 -10.63 5.05 7.71
C SER B 258 -11.80 5.94 8.17
N GLY B 259 -13.01 5.50 7.81
CA GLY B 259 -14.25 6.18 8.18
C GLY B 259 -14.77 7.18 7.17
N LEU B 260 -14.04 7.37 6.07
CA LEU B 260 -14.52 8.23 4.99
C LEU B 260 -15.70 7.61 4.27
N LYS B 261 -16.63 8.45 3.85
CA LYS B 261 -17.79 7.97 3.11
C LYS B 261 -17.42 7.91 1.65
N GLY B 262 -17.66 6.76 1.01
CA GLY B 262 -17.36 6.62 -0.40
C GLY B 262 -18.56 6.11 -1.19
N CYS B 263 -18.37 5.77 -2.45
CA CYS B 263 -19.49 5.14 -3.18
C CYS B 263 -19.12 3.99 -4.11
N VAL B 264 -17.83 3.69 -4.21
CA VAL B 264 -17.37 2.49 -4.88
C VAL B 264 -16.46 1.82 -3.87
N TYR B 265 -16.57 0.51 -3.80
CA TYR B 265 -15.97 -0.26 -2.72
C TYR B 265 -15.05 -1.33 -3.30
N GLY B 266 -13.78 -1.31 -2.91
CA GLY B 266 -12.89 -2.39 -3.35
C GLY B 266 -12.08 -2.12 -4.61
N GLN B 267 -12.21 -0.91 -5.17
CA GLN B 267 -11.44 -0.52 -6.34
C GLN B 267 -10.07 -0.01 -5.83
N THR B 268 -9.02 -0.77 -6.08
CA THR B 268 -7.71 -0.44 -5.53
C THR B 268 -6.64 -0.09 -6.58
N ALA B 269 -7.01 -0.15 -7.86
CA ALA B 269 -6.06 0.15 -8.94
C ALA B 269 -5.65 1.62 -8.91
N VAL B 270 -6.64 2.51 -8.74
CA VAL B 270 -6.41 3.94 -8.64
C VAL B 270 -6.99 4.39 -7.32
N GLN B 271 -6.14 4.55 -6.32
CA GLN B 271 -6.59 4.86 -4.99
C GLN B 271 -6.88 6.31 -4.76
N LEU B 272 -7.68 6.51 -3.77
CA LEU B 272 -8.19 7.81 -3.37
C LEU B 272 -7.11 8.35 -2.46
N SER B 273 -6.92 9.65 -2.46
CA SER B 273 -6.03 10.28 -1.53
C SER B 273 -6.74 11.43 -0.78
N LEU B 274 -6.41 11.69 0.47
CA LEU B 274 -6.99 12.86 1.17
C LEU B 274 -5.86 13.81 1.49
N GLY B 275 -6.17 15.09 1.59
CA GLY B 275 -5.16 16.08 1.92
C GLY B 275 -5.70 17.46 2.17
N PRO B 276 -4.84 18.38 2.61
CA PRO B 276 -5.23 19.73 2.96
C PRO B 276 -5.40 20.73 1.78
N MET B 277 -6.23 21.75 2.03
CA MET B 277 -6.41 22.89 1.16
C MET B 277 -6.38 24.12 2.06
N ALA B 278 -5.75 25.19 1.60
CA ALA B 278 -5.60 26.36 2.45
C ALA B 278 -5.22 27.55 1.61
N ARG B 279 -5.01 28.68 2.28
CA ARG B 279 -4.67 29.90 1.57
C ARG B 279 -3.19 30.06 1.22
N ASP B 280 -2.31 29.30 1.90
CA ASP B 280 -0.90 29.34 1.62
C ASP B 280 -0.23 27.98 1.86
N VAL B 281 1.00 27.82 1.38
CA VAL B 281 1.68 26.51 1.46
C VAL B 281 2.05 26.13 2.90
N GLU B 282 2.47 27.11 3.69
CA GLU B 282 2.80 26.86 5.09
C GLU B 282 1.65 26.21 5.86
N SER B 283 0.43 26.62 5.53
CA SER B 283 -0.76 26.07 6.18
C SER B 283 -0.91 24.58 5.89
N LEU B 284 -0.59 24.18 4.65
CA LEU B 284 -0.63 22.78 4.23
C LEU B 284 0.41 21.97 5.00
N ALA B 285 1.61 22.52 5.16
CA ALA B 285 2.68 21.86 5.89
C ALA B 285 2.28 21.69 7.36
N LEU B 286 1.72 22.73 7.97
CA LEU B 286 1.25 22.65 9.37
C LEU B 286 0.20 21.56 9.55
N CYS B 287 -0.76 21.53 8.63
CA CYS B 287 -1.80 20.54 8.67
C CYS B 287 -1.22 19.14 8.60
N LEU B 288 -0.34 18.89 7.62
CA LEU B 288 0.30 17.57 7.48
C LEU B 288 1.09 17.16 8.70
N LYS B 289 1.86 18.12 9.23
CA LYS B 289 2.64 17.93 10.43
C LYS B 289 1.76 17.53 11.61
N ALA B 290 0.59 18.14 11.71
CA ALA B 290 -0.31 17.87 12.82
C ALA B 290 -0.96 16.52 12.66
N LEU B 291 -1.32 16.18 11.43
CA LEU B 291 -1.99 14.91 11.14
C LEU B 291 -1.06 13.71 11.29
N LEU B 292 0.22 13.87 10.91
CA LEU B 292 1.17 12.78 10.91
C LEU B 292 1.73 12.55 12.28
N CYS B 293 0.86 12.19 13.21
CA CYS B 293 1.21 12.09 14.62
C CYS B 293 0.87 10.72 15.13
N GLU B 294 1.35 10.40 16.33
CA GLU B 294 1.12 9.10 16.90
C GLU B 294 -0.37 8.77 17.03
N HIS B 295 -1.22 9.77 17.31
CA HIS B 295 -2.68 9.55 17.37
C HIS B 295 -3.19 8.91 16.08
N LEU B 296 -2.81 9.49 14.95
CA LEU B 296 -3.19 8.96 13.63
C LEU B 296 -2.70 7.53 13.44
N PHE B 297 -1.42 7.31 13.69
CA PHE B 297 -0.77 6.00 13.45
C PHE B 297 -1.28 4.92 14.38
N THR B 298 -1.73 5.28 15.57
CA THR B 298 -2.34 4.31 16.46
C THR B 298 -3.84 4.08 16.14
N LEU B 299 -4.55 5.12 15.71
CA LEU B 299 -5.98 5.00 15.34
C LEU B 299 -6.15 4.20 14.04
N ASP B 300 -5.19 4.33 13.11
CA ASP B 300 -5.16 3.53 11.89
C ASP B 300 -3.76 2.92 11.62
N PRO B 301 -3.50 1.74 12.23
CA PRO B 301 -2.27 0.98 12.06
C PRO B 301 -1.93 0.65 10.61
N THR B 302 -2.88 0.76 9.67
CA THR B 302 -2.61 0.42 8.28
C THR B 302 -1.86 1.53 7.54
N VAL B 303 -1.77 2.73 8.11
CA VAL B 303 -0.98 3.82 7.55
C VAL B 303 0.47 3.72 8.02
N PRO B 304 1.45 3.75 7.11
CA PRO B 304 2.84 3.72 7.53
C PRO B 304 3.20 4.90 8.45
N PRO B 305 3.80 4.61 9.61
CA PRO B 305 4.08 5.64 10.60
C PRO B 305 5.24 6.56 10.22
N LEU B 306 5.02 7.36 9.19
CA LEU B 306 6.01 8.28 8.63
C LEU B 306 5.77 9.69 9.18
N PRO B 307 6.58 10.12 10.16
CA PRO B 307 6.33 11.48 10.64
C PRO B 307 6.70 12.55 9.60
N PHE B 308 6.17 13.75 9.77
CA PHE B 308 6.51 14.84 8.86
C PHE B 308 7.98 15.27 9.02
N ARG B 309 8.74 15.25 7.93
CA ARG B 309 10.17 15.58 7.98
C ARG B 309 10.41 17.08 7.76
N GLU B 310 10.44 17.84 8.86
CA GLU B 310 10.55 19.29 8.75
C GLU B 310 11.79 19.73 7.99
N GLU B 311 12.89 19.01 8.18
CA GLU B 311 14.16 19.42 7.60
C GLU B 311 14.10 19.40 6.08
N VAL B 312 13.38 18.43 5.52
CA VAL B 312 13.19 18.36 4.09
C VAL B 312 12.31 19.50 3.64
N TYR B 313 11.21 19.74 4.35
CA TYR B 313 10.31 20.83 4.00
C TYR B 313 11.00 22.18 4.02
N ARG B 314 11.88 22.36 5.01
CA ARG B 314 12.57 23.63 5.25
C ARG B 314 13.84 23.81 4.43
N SER B 315 14.17 22.82 3.61
CA SER B 315 15.41 22.87 2.81
C SER B 315 15.38 24.05 1.85
N SER B 316 16.52 24.70 1.65
CA SER B 316 16.59 25.78 0.68
C SER B 316 17.69 25.57 -0.34
N ARG B 317 18.04 24.31 -0.63
CA ARG B 317 19.06 23.96 -1.62
C ARG B 317 18.47 24.00 -3.00
N PRO B 318 19.31 24.23 -4.01
CA PRO B 318 18.80 24.17 -5.37
C PRO B 318 18.22 22.81 -5.73
N LEU B 319 17.23 22.84 -6.61
CA LEU B 319 16.50 21.67 -7.02
C LEU B 319 16.77 21.41 -8.48
N ARG B 320 16.78 20.13 -8.85
CA ARG B 320 16.61 19.73 -10.25
C ARG B 320 15.13 19.55 -10.52
N VAL B 321 14.59 20.37 -11.41
CA VAL B 321 13.18 20.46 -11.64
C VAL B 321 12.91 20.06 -13.07
N GLY B 322 12.23 18.95 -13.24
CA GLY B 322 11.73 18.54 -14.55
C GLY B 322 10.55 19.44 -14.84
N TYR B 323 10.27 19.67 -16.11
CA TYR B 323 9.07 20.43 -16.49
C TYR B 323 8.58 20.10 -17.89
N TYR B 324 7.27 20.24 -18.09
CA TYR B 324 6.67 20.26 -19.41
C TYR B 324 5.66 21.38 -19.54
N GLU B 325 5.53 21.87 -20.76
CA GLU B 325 4.62 22.97 -21.09
C GLU B 325 3.25 22.45 -21.48
N THR B 326 3.23 21.21 -21.96
CA THR B 326 2.01 20.56 -22.43
C THR B 326 2.20 19.07 -22.22
N ASP B 327 1.12 18.36 -21.97
CA ASP B 327 1.19 16.93 -21.86
C ASP B 327 0.86 16.27 -23.19
N ASN B 328 0.67 17.10 -24.24
CA ASN B 328 0.30 16.67 -25.58
C ASN B 328 -1.02 15.91 -25.67
N TYR B 329 -1.89 16.15 -24.71
CA TYR B 329 -3.16 15.48 -24.61
C TYR B 329 -4.28 16.53 -24.48
N THR B 330 -4.16 17.42 -23.47
CA THR B 330 -5.00 18.60 -23.36
C THR B 330 -4.14 19.82 -23.65
N MET B 331 -4.45 20.51 -24.74
CA MET B 331 -3.73 21.73 -25.08
C MET B 331 -3.96 22.70 -23.93
N PRO B 332 -2.90 23.32 -23.44
CA PRO B 332 -3.07 24.27 -22.37
C PRO B 332 -3.68 25.56 -22.89
N SER B 333 -4.42 26.25 -22.02
CA SER B 333 -4.95 27.55 -22.36
C SER B 333 -3.77 28.50 -22.40
N PRO B 334 -3.92 29.63 -23.10
CA PRO B 334 -2.89 30.67 -23.05
C PRO B 334 -2.44 31.05 -21.63
N ALA B 335 -3.39 31.24 -20.71
CA ALA B 335 -3.05 31.55 -19.33
C ALA B 335 -2.24 30.44 -18.65
N MET B 336 -2.64 29.19 -18.83
CA MET B 336 -1.88 28.03 -18.31
C MET B 336 -0.44 27.98 -18.81
N ARG B 337 -0.27 28.16 -20.11
CA ARG B 337 1.04 28.12 -20.73
C ARG B 337 1.90 29.27 -20.21
N ARG B 338 1.35 30.48 -20.10
CA ARG B 338 2.09 31.62 -19.55
C ARG B 338 2.48 31.38 -18.10
N ALA B 339 1.55 30.86 -17.31
CA ALA B 339 1.78 30.50 -15.91
C ALA B 339 2.98 29.56 -15.74
N LEU B 340 3.04 28.53 -16.58
CA LEU B 340 4.12 27.52 -16.53
C LEU B 340 5.48 28.14 -16.92
N ILE B 341 5.50 28.89 -18.01
CA ILE B 341 6.73 29.47 -18.54
C ILE B 341 7.32 30.53 -17.62
N GLU B 342 6.49 31.39 -17.07
CA GLU B 342 6.95 32.39 -16.11
C GLU B 342 7.54 31.74 -14.85
N THR B 343 6.90 30.68 -14.39
CA THR B 343 7.36 29.99 -13.16
C THR B 343 8.72 29.31 -13.43
N LYS B 344 8.83 28.65 -14.56
CA LYS B 344 10.07 28.06 -15.02
C LYS B 344 11.20 29.11 -15.09
N GLN B 345 10.88 30.27 -15.65
CA GLN B 345 11.85 31.34 -15.80
C GLN B 345 12.31 31.86 -14.44
N ARG B 346 11.37 32.06 -13.52
CA ARG B 346 11.69 32.53 -12.17
C ARG B 346 12.49 31.50 -11.35
N LEU B 347 12.17 30.22 -11.50
CA LEU B 347 12.96 29.18 -10.85
C LEU B 347 14.39 29.13 -11.39
N GLU B 348 14.56 29.22 -12.71
CA GLU B 348 15.90 29.24 -13.27
C GLU B 348 16.69 30.47 -12.76
N ALA B 349 16.05 31.63 -12.69
CA ALA B 349 16.67 32.84 -12.18
C ALA B 349 17.09 32.66 -10.72
N ALA B 350 16.36 31.82 -9.99
CA ALA B 350 16.64 31.56 -8.56
C ALA B 350 17.71 30.48 -8.35
N GLY B 351 18.21 29.89 -9.42
CA GLY B 351 19.30 28.95 -9.32
C GLY B 351 18.95 27.48 -9.43
N HIS B 352 17.70 27.17 -9.77
CA HIS B 352 17.25 25.80 -9.98
C HIS B 352 17.52 25.38 -11.41
N THR B 353 17.72 24.09 -11.62
CA THR B 353 18.03 23.54 -12.92
C THR B 353 16.75 23.01 -13.51
N LEU B 354 16.32 23.62 -14.60
CA LEU B 354 15.07 23.28 -15.26
C LEU B 354 15.34 22.33 -16.42
N ILE B 355 14.77 21.12 -16.35
CA ILE B 355 15.07 20.02 -17.28
C ILE B 355 13.82 19.50 -18.02
N PRO B 356 13.75 19.65 -19.35
CA PRO B 356 12.63 19.08 -20.06
C PRO B 356 12.38 17.60 -19.76
N PHE B 357 11.15 17.29 -19.37
CA PHE B 357 10.76 15.97 -18.93
C PHE B 357 9.28 15.74 -19.22
N LEU B 358 8.96 14.60 -19.82
CA LEU B 358 7.56 14.19 -19.97
C LEU B 358 7.42 12.69 -19.64
N PRO B 359 6.51 12.35 -18.68
CA PRO B 359 6.21 10.94 -18.45
C PRO B 359 5.78 10.24 -19.74
N ASN B 360 6.31 9.04 -19.94
CA ASN B 360 6.09 8.26 -21.17
C ASN B 360 4.65 7.80 -21.24
N ASN B 361 4.13 7.65 -22.45
CA ASN B 361 2.83 6.98 -22.69
C ASN B 361 1.64 7.51 -21.86
N ILE B 362 1.48 8.82 -21.88
CA ILE B 362 0.38 9.45 -21.17
C ILE B 362 -0.97 9.00 -21.74
N PRO B 363 -1.12 8.97 -23.08
CA PRO B 363 -2.43 8.50 -23.54
C PRO B 363 -2.86 7.14 -22.98
N TYR B 364 -1.96 6.16 -23.07
CA TYR B 364 -2.12 4.81 -22.46
C TYR B 364 -2.45 4.86 -20.96
N ALA B 365 -1.72 5.68 -20.22
CA ALA B 365 -1.93 5.84 -18.78
C ALA B 365 -3.34 6.36 -18.45
N LEU B 366 -3.81 7.34 -19.24
CA LEU B 366 -5.12 7.96 -19.01
C LEU B 366 -6.26 7.12 -19.57
N GLU B 367 -6.08 6.63 -20.79
CA GLU B 367 -7.15 5.92 -21.48
C GLU B 367 -7.29 4.49 -21.03
N VAL B 368 -6.17 3.81 -20.78
CA VAL B 368 -6.21 2.35 -20.51
C VAL B 368 -6.09 2.09 -19.01
N LEU B 369 -5.06 2.68 -18.38
CA LEU B 369 -4.80 2.41 -16.98
C LEU B 369 -5.78 3.12 -16.01
N SER B 370 -5.98 4.43 -16.19
CA SER B 370 -6.80 5.21 -15.28
C SER B 370 -8.28 4.93 -15.52
N THR B 371 -8.74 5.11 -16.74
CA THR B 371 -10.14 4.83 -17.04
C THR B 371 -10.50 3.36 -16.72
N GLY B 372 -9.65 2.43 -17.14
CA GLY B 372 -9.85 1.02 -16.85
C GLY B 372 -9.85 0.67 -15.38
N GLY B 373 -8.99 1.33 -14.61
CA GLY B 373 -8.90 1.10 -13.17
C GLY B 373 -10.12 1.61 -12.44
N LEU B 374 -10.59 2.80 -12.82
CA LEU B 374 -11.80 3.39 -12.27
C LEU B 374 -13.09 2.64 -12.70
N PHE B 375 -13.13 2.10 -13.91
CA PHE B 375 -14.35 1.46 -14.42
C PHE B 375 -14.16 0.01 -14.85
N SER B 376 -13.39 -0.75 -14.07
CA SER B 376 -13.10 -2.17 -14.39
C SER B 376 -14.36 -3.01 -14.57
N ASP B 377 -15.41 -2.65 -13.82
CA ASP B 377 -16.63 -3.42 -13.82
C ASP B 377 -17.66 -2.84 -14.78
N GLY B 378 -17.19 -1.93 -15.62
CA GLY B 378 -18.05 -1.19 -16.54
C GLY B 378 -18.97 -0.13 -15.95
N GLY B 379 -18.78 0.20 -14.67
CA GLY B 379 -19.57 1.20 -13.98
C GLY B 379 -20.71 0.65 -13.13
N ARG B 380 -20.87 -0.67 -13.10
CA ARG B 380 -22.04 -1.25 -12.49
C ARG B 380 -22.12 -0.87 -11.02
N SER B 381 -21.00 -1.04 -10.31
CA SER B 381 -20.91 -0.67 -8.89
C SER B 381 -21.25 0.81 -8.65
N PHE B 382 -20.64 1.68 -9.45
CA PHE B 382 -20.90 3.12 -9.39
C PHE B 382 -22.41 3.43 -9.64
N LEU B 383 -23.01 2.78 -10.65
CA LEU B 383 -24.39 3.04 -11.04
C LEU B 383 -25.42 2.65 -9.98
N GLN B 384 -25.09 1.71 -9.11
CA GLN B 384 -25.96 1.32 -8.01
C GLN B 384 -26.41 2.49 -7.18
N ASN B 385 -25.52 3.44 -7.04
CA ASN B 385 -25.77 4.61 -6.24
C ASN B 385 -26.87 5.52 -6.78
N PHE B 386 -27.15 5.44 -8.08
CA PHE B 386 -28.08 6.35 -8.70
C PHE B 386 -29.48 5.76 -8.91
N LYS B 387 -29.64 4.47 -8.61
CA LYS B 387 -30.93 3.82 -8.76
C LYS B 387 -32.03 4.54 -7.93
N GLY B 388 -33.10 4.93 -8.60
CA GLY B 388 -34.16 5.71 -7.99
C GLY B 388 -33.85 7.17 -7.72
N ASP B 389 -32.73 7.68 -8.23
CA ASP B 389 -32.32 9.06 -7.92
C ASP B 389 -32.34 9.92 -9.18
N PHE B 390 -32.36 11.23 -9.00
CA PHE B 390 -32.13 12.17 -10.10
C PHE B 390 -30.65 12.18 -10.43
N VAL B 391 -30.30 12.39 -11.70
CA VAL B 391 -28.90 12.54 -12.08
C VAL B 391 -28.64 14.02 -12.31
N ASP B 392 -27.69 14.58 -11.55
CA ASP B 392 -27.42 16.02 -11.65
C ASP B 392 -26.90 16.33 -13.05
N PRO B 393 -27.38 17.43 -13.67
CA PRO B 393 -26.87 17.83 -14.99
C PRO B 393 -25.37 18.00 -15.05
N CYS B 394 -24.74 18.27 -13.92
CA CYS B 394 -23.30 18.53 -13.88
C CYS B 394 -22.45 17.28 -14.18
N LEU B 395 -23.05 16.09 -14.07
CA LEU B 395 -22.39 14.84 -14.50
C LEU B 395 -22.49 14.59 -16.02
N GLY B 396 -23.14 15.48 -16.76
CA GLY B 396 -23.20 15.34 -18.21
C GLY B 396 -23.83 14.01 -18.59
N ASP B 397 -23.19 13.27 -19.49
CA ASP B 397 -23.78 12.03 -19.97
C ASP B 397 -23.08 10.79 -19.43
N LEU B 398 -22.30 10.95 -18.37
CA LEU B 398 -21.52 9.84 -17.80
C LEU B 398 -22.40 8.65 -17.41
N ILE B 399 -23.53 8.93 -16.78
CA ILE B 399 -24.42 7.87 -16.29
C ILE B 399 -25.06 7.13 -17.47
N LEU B 400 -25.52 7.89 -18.48
CA LEU B 400 -26.05 7.33 -19.72
C LEU B 400 -25.02 6.44 -20.44
N ILE B 401 -23.77 6.89 -20.54
CA ILE B 401 -22.73 6.09 -21.22
C ILE B 401 -22.40 4.82 -20.43
N LEU B 402 -22.26 4.96 -19.11
CA LEU B 402 -21.92 3.80 -18.27
C LEU B 402 -23.03 2.74 -18.33
N ARG B 403 -24.27 3.19 -18.50
CA ARG B 403 -25.40 2.27 -18.61
C ARG B 403 -25.47 1.48 -19.92
N LEU B 404 -24.68 1.87 -20.91
CA LEU B 404 -24.71 1.19 -22.21
C LEU B 404 -24.24 -0.27 -22.09
N PRO B 405 -24.86 -1.18 -22.85
CA PRO B 405 -24.36 -2.55 -22.87
C PRO B 405 -22.90 -2.61 -23.37
N SER B 406 -22.12 -3.51 -22.81
CA SER B 406 -20.71 -3.65 -23.16
C SER B 406 -20.47 -3.83 -24.66
N TRP B 407 -21.34 -4.61 -25.32
CA TRP B 407 -21.20 -4.83 -26.75
C TRP B 407 -21.39 -3.54 -27.53
N PHE B 408 -22.23 -2.64 -27.02
CA PHE B 408 -22.52 -1.39 -27.71
C PHE B 408 -21.39 -0.38 -27.50
N LYS B 409 -20.89 -0.28 -26.26
CA LYS B 409 -19.68 0.46 -25.99
C LYS B 409 -18.56 0.07 -26.95
N ARG B 410 -18.46 -1.23 -27.23
CA ARG B 410 -17.39 -1.74 -28.07
C ARG B 410 -17.59 -1.34 -29.52
N LEU B 411 -18.81 -1.53 -30.02
CA LEU B 411 -19.21 -1.17 -31.37
C LEU B 411 -19.09 0.34 -31.63
N LEU B 412 -19.61 1.15 -30.70
CA LEU B 412 -19.51 2.60 -30.77
C LEU B 412 -18.03 3.02 -30.77
N SER B 413 -17.24 2.35 -29.95
CA SER B 413 -15.80 2.56 -29.92
C SER B 413 -15.16 2.38 -31.31
N LEU B 414 -15.54 1.30 -31.99
CA LEU B 414 -15.00 0.98 -33.31
C LEU B 414 -15.39 1.99 -34.38
N LEU B 415 -16.63 2.48 -34.31
CA LEU B 415 -17.11 3.52 -35.23
C LEU B 415 -16.43 4.87 -35.02
N LEU B 416 -16.18 5.25 -33.76
CA LEU B 416 -15.55 6.52 -33.43
C LEU B 416 -14.06 6.54 -33.70
N LYS B 417 -13.40 5.38 -33.61
CA LYS B 417 -11.92 5.31 -33.55
C LYS B 417 -11.20 6.12 -34.63
N PRO B 418 -11.62 5.97 -35.90
CA PRO B 418 -10.96 6.68 -37.00
C PRO B 418 -11.04 8.23 -36.94
N LEU B 419 -12.12 8.78 -36.38
CA LEU B 419 -12.29 10.23 -36.30
C LEU B 419 -11.95 10.79 -34.91
N PHE B 420 -12.40 10.08 -33.87
CA PHE B 420 -12.31 10.56 -32.50
C PHE B 420 -11.70 9.49 -31.58
N PRO B 421 -10.42 9.18 -31.82
CA PRO B 421 -9.75 8.09 -31.11
C PRO B 421 -9.76 8.25 -29.59
N ARG B 422 -9.72 9.48 -29.10
CA ARG B 422 -9.78 9.73 -27.66
C ARG B 422 -11.08 9.22 -27.07
N LEU B 423 -12.18 9.63 -27.70
CA LEU B 423 -13.52 9.22 -27.32
C LEU B 423 -13.68 7.71 -27.45
N ALA B 424 -13.17 7.14 -28.55
CA ALA B 424 -13.20 5.69 -28.76
C ALA B 424 -12.51 4.93 -27.62
N ALA B 425 -11.35 5.44 -27.21
CA ALA B 425 -10.54 4.77 -26.21
C ALA B 425 -11.18 4.80 -24.82
N PHE B 426 -11.71 5.96 -24.40
CA PHE B 426 -12.45 6.01 -23.14
C PHE B 426 -13.63 5.03 -23.17
N LEU B 427 -14.38 4.96 -24.27
CA LEU B 427 -15.56 4.08 -24.33
C LEU B 427 -15.20 2.60 -24.20
N ASN B 428 -14.19 2.16 -24.92
CA ASN B 428 -13.72 0.78 -24.88
C ASN B 428 -13.21 0.33 -23.51
N ASN B 429 -12.59 1.27 -22.81
CA ASN B 429 -11.96 0.99 -21.51
C ASN B 429 -12.89 1.17 -20.31
N MET B 430 -14.12 1.60 -20.56
CA MET B 430 -15.21 1.64 -19.57
C MET B 430 -16.12 0.41 -19.64
N ARG B 431 -15.64 -0.66 -20.26
CA ARG B 431 -16.38 -1.91 -20.35
C ARG B 431 -16.05 -2.83 -19.18
N PRO B 432 -17.02 -3.67 -18.81
CA PRO B 432 -16.80 -4.67 -17.76
C PRO B 432 -15.84 -5.77 -18.20
N ARG B 433 -15.11 -6.36 -17.26
CA ARG B 433 -14.13 -7.39 -17.56
C ARG B 433 -14.02 -8.38 -16.40
N SER B 434 -13.26 -9.45 -16.64
CA SER B 434 -13.00 -10.52 -15.67
C SER B 434 -11.96 -10.13 -14.65
N ALA B 435 -11.93 -10.86 -13.54
CA ALA B 435 -10.89 -10.66 -12.52
C ALA B 435 -9.52 -10.94 -13.14
N GLU B 436 -9.45 -11.91 -14.03
CA GLU B 436 -8.22 -12.19 -14.77
C GLU B 436 -7.69 -10.94 -15.48
N LYS B 437 -8.56 -10.28 -16.23
CA LYS B 437 -8.11 -9.07 -16.94
C LYS B 437 -7.86 -7.89 -16.00
N LEU B 438 -8.51 -7.87 -14.85
CA LEU B 438 -8.18 -6.82 -13.86
C LEU B 438 -6.76 -7.02 -13.32
N TRP B 439 -6.39 -8.26 -13.03
CA TRP B 439 -5.04 -8.58 -12.58
C TRP B 439 -4.04 -8.03 -13.58
N LYS B 440 -4.30 -8.31 -14.86
CA LYS B 440 -3.44 -7.83 -15.94
C LYS B 440 -3.32 -6.31 -15.93
N LEU B 441 -4.43 -5.62 -15.72
CA LEU B 441 -4.43 -4.16 -15.62
C LEU B 441 -3.65 -3.68 -14.41
N GLN B 442 -3.85 -4.34 -13.26
CA GLN B 442 -3.15 -3.93 -12.02
C GLN B 442 -1.65 -4.11 -12.19
N HIS B 443 -1.22 -5.17 -12.91
CA HIS B 443 0.19 -5.33 -13.16
C HIS B 443 0.73 -4.22 -14.07
N GLU B 444 -0.04 -3.89 -15.10
CA GLU B 444 0.33 -2.82 -16.01
C GLU B 444 0.48 -1.48 -15.29
N ILE B 445 -0.41 -1.18 -14.34
CA ILE B 445 -0.29 0.04 -13.51
C ILE B 445 1.00 0.03 -12.71
N GLU B 446 1.30 -1.11 -12.10
CA GLU B 446 2.52 -1.25 -11.31
C GLU B 446 3.77 -1.02 -12.18
N MET B 447 3.81 -1.66 -13.33
CA MET B 447 4.95 -1.54 -14.22
CA MET B 447 4.94 -1.53 -14.23
C MET B 447 5.07 -0.11 -14.74
N TYR B 448 3.93 0.52 -15.00
CA TYR B 448 3.92 1.89 -15.50
C TYR B 448 4.54 2.84 -14.48
N ARG B 449 4.14 2.69 -13.23
CA ARG B 449 4.70 3.49 -12.16
C ARG B 449 6.20 3.32 -12.12
N GLN B 450 6.69 2.07 -12.18
CA GLN B 450 8.13 1.85 -12.16
C GLN B 450 8.81 2.46 -13.41
N SER B 451 8.15 2.47 -14.58
CA SER B 451 8.73 3.06 -15.80
C SER B 451 8.93 4.57 -15.69
N VAL B 452 8.00 5.27 -15.04
CA VAL B 452 8.11 6.70 -14.86
C VAL B 452 9.14 7.05 -13.78
N ILE B 453 9.17 6.26 -12.70
CA ILE B 453 10.23 6.36 -11.70
C ILE B 453 11.60 6.16 -12.38
N ALA B 454 11.73 5.20 -13.30
CA ALA B 454 12.99 4.98 -14.03
C ALA B 454 13.43 6.20 -14.86
N GLN B 455 12.48 6.82 -15.57
CA GLN B 455 12.76 8.05 -16.34
C GLN B 455 13.23 9.16 -15.41
N TRP B 456 12.52 9.30 -14.29
CA TRP B 456 12.80 10.31 -13.28
C TRP B 456 14.23 10.19 -12.75
N LYS B 457 14.62 8.98 -12.36
CA LYS B 457 15.97 8.73 -11.85
C LYS B 457 17.02 8.94 -12.93
N ALA B 458 16.69 8.59 -14.18
CA ALA B 458 17.64 8.75 -15.30
C ALA B 458 18.00 10.21 -15.55
N MET B 459 17.05 11.11 -15.32
CA MET B 459 17.32 12.55 -15.42
C MET B 459 17.69 13.15 -14.07
N ASN B 460 17.80 12.30 -13.04
CA ASN B 460 18.13 12.73 -11.67
C ASN B 460 17.31 13.94 -11.19
N LEU B 461 16.00 13.82 -11.37
CA LEU B 461 15.07 14.85 -10.95
C LEU B 461 14.89 14.82 -9.44
N ASP B 462 14.69 15.97 -8.86
CA ASP B 462 14.17 16.09 -7.50
C ASP B 462 12.65 16.20 -7.54
N VAL B 463 12.15 17.11 -8.38
CA VAL B 463 10.72 17.40 -8.43
C VAL B 463 10.34 17.66 -9.89
N LEU B 464 9.03 17.77 -10.15
CA LEU B 464 8.49 18.07 -11.49
C LEU B 464 7.43 19.18 -11.45
N LEU B 465 7.54 20.10 -12.41
CA LEU B 465 6.66 21.26 -12.57
C LEU B 465 5.82 21.04 -13.82
N THR B 466 4.51 21.13 -13.67
CA THR B 466 3.62 20.87 -14.81
C THR B 466 2.53 21.93 -14.90
N PRO B 467 1.82 21.99 -16.03
CA PRO B 467 0.68 22.92 -16.05
C PRO B 467 -0.43 22.34 -15.18
N MET B 468 -1.34 23.21 -14.75
CA MET B 468 -2.53 22.81 -14.01
C MET B 468 -3.72 23.40 -14.75
N LEU B 469 -4.77 22.61 -14.92
CA LEU B 469 -5.92 23.08 -15.65
C LEU B 469 -6.45 24.36 -15.05
N GLY B 470 -6.64 25.31 -15.93
CA GLY B 470 -7.58 26.39 -15.73
C GLY B 470 -7.35 27.53 -16.67
N PRO B 471 -8.33 28.43 -16.73
CA PRO B 471 -8.84 29.11 -15.57
C PRO B 471 -10.15 28.32 -15.33
N ALA B 472 -10.92 28.66 -14.31
CA ALA B 472 -12.13 27.91 -14.01
C ALA B 472 -13.02 27.75 -15.22
N LEU B 473 -13.61 26.56 -15.37
CA LEU B 473 -14.57 26.33 -16.45
C LEU B 473 -15.97 26.86 -16.07
N ASP B 474 -16.80 27.17 -17.06
CA ASP B 474 -18.19 27.54 -16.78
C ASP B 474 -18.92 26.40 -16.08
N LEU B 475 -19.97 26.77 -15.34
CA LEU B 475 -20.87 25.81 -14.67
C LEU B 475 -21.44 24.77 -15.65
N ASN B 476 -21.47 23.51 -15.23
CA ASN B 476 -21.98 22.39 -16.02
C ASN B 476 -21.21 22.06 -17.30
N THR B 477 -19.98 22.53 -17.42
CA THR B 477 -19.12 22.07 -18.51
C THR B 477 -18.03 21.05 -18.11
N PRO B 478 -17.52 21.07 -16.86
CA PRO B 478 -16.57 20.00 -16.57
C PRO B 478 -17.05 18.59 -16.95
N GLY B 479 -18.34 18.31 -16.76
CA GLY B 479 -18.89 16.99 -17.09
C GLY B 479 -18.91 16.68 -18.57
N ARG B 480 -18.63 17.67 -19.40
CA ARG B 480 -18.59 17.47 -20.85
C ARG B 480 -17.18 17.75 -21.39
N ALA B 481 -16.23 17.97 -20.50
CA ALA B 481 -14.82 18.15 -20.86
C ALA B 481 -13.97 17.15 -20.10
N THR B 482 -14.21 15.86 -20.31
CA THR B 482 -13.52 14.83 -19.49
C THR B 482 -12.02 14.73 -19.79
N GLY B 483 -11.62 15.07 -21.02
CA GLY B 483 -10.21 14.97 -21.45
C GLY B 483 -9.29 15.85 -20.65
N ALA B 484 -9.84 16.97 -20.16
CA ALA B 484 -9.10 17.97 -19.38
C ALA B 484 -8.63 17.53 -18.00
N VAL B 485 -9.02 16.33 -17.56
CA VAL B 485 -8.42 15.76 -16.33
C VAL B 485 -6.98 15.23 -16.51
N SER B 486 -6.44 15.33 -17.73
CA SER B 486 -5.17 14.68 -18.05
C SER B 486 -4.02 15.18 -17.18
N TYR B 487 -4.00 16.47 -16.87
CA TYR B 487 -2.89 17.05 -16.09
C TYR B 487 -2.86 16.49 -14.68
N THR B 488 -4.03 16.29 -14.08
CA THR B 488 -4.09 15.81 -12.71
C THR B 488 -4.20 14.29 -12.59
N MET B 489 -5.07 13.65 -13.36
CA MET B 489 -5.31 12.21 -13.17
C MET B 489 -4.08 11.36 -13.37
N LEU B 490 -3.15 11.82 -14.20
CA LEU B 490 -1.89 11.11 -14.37
C LEU B 490 -1.23 10.76 -13.03
N TYR B 491 -1.27 11.67 -12.04
CA TYR B 491 -0.55 11.44 -10.77
C TYR B 491 -1.35 10.69 -9.75
N ASN B 492 -2.65 10.54 -10.00
CA ASN B 492 -3.42 9.54 -9.29
C ASN B 492 -3.08 8.14 -9.80
N CYS B 493 -2.96 7.98 -11.12
CA CYS B 493 -2.56 6.68 -11.71
C CYS B 493 -1.16 6.27 -11.21
N LEU B 494 -0.24 7.20 -11.23
CA LEU B 494 1.15 6.97 -10.69
C LEU B 494 1.25 6.97 -9.16
N ASP B 495 0.25 7.52 -8.48
CA ASP B 495 0.24 7.66 -7.03
C ASP B 495 1.50 8.39 -6.55
N PHE B 496 1.70 9.57 -7.11
CA PHE B 496 2.78 10.46 -6.66
C PHE B 496 2.10 11.65 -5.97
N PRO B 497 2.70 12.21 -4.88
CA PRO B 497 2.13 13.45 -4.33
C PRO B 497 2.19 14.57 -5.35
N ALA B 498 1.13 15.38 -5.39
CA ALA B 498 0.97 16.43 -6.39
C ALA B 498 0.18 17.59 -5.75
N GLY B 499 0.70 18.81 -5.83
CA GLY B 499 0.00 19.98 -5.26
C GLY B 499 -0.07 21.11 -6.24
N VAL B 500 -0.92 22.10 -5.95
CA VAL B 500 -1.05 23.26 -6.81
C VAL B 500 -0.90 24.55 -6.02
N VAL B 501 -0.37 25.55 -6.71
CA VAL B 501 -0.11 26.85 -6.15
C VAL B 501 -0.59 27.87 -7.17
N PRO B 502 -1.38 28.86 -6.73
CA PRO B 502 -1.73 29.95 -7.64
C PRO B 502 -0.51 30.79 -8.01
N VAL B 503 -0.33 31.12 -9.29
CA VAL B 503 0.84 31.92 -9.68
C VAL B 503 0.54 33.18 -10.51
N THR B 504 -0.66 33.29 -11.07
CA THR B 504 -1.00 34.42 -11.95
C THR B 504 -2.52 34.55 -12.04
N THR B 505 -2.99 35.58 -12.75
CA THR B 505 -4.41 35.77 -13.08
C THR B 505 -4.54 35.94 -14.59
N VAL B 506 -5.66 35.47 -15.15
CA VAL B 506 -5.94 35.64 -16.61
C VAL B 506 -6.01 37.14 -17.05
N THR B 507 -5.21 37.49 -18.05
CA THR B 507 -5.19 38.84 -18.63
C THR B 507 -6.18 38.94 -19.79
N ALA B 508 -6.46 40.16 -20.24
CA ALA B 508 -7.35 40.38 -21.39
C ALA B 508 -6.83 39.60 -22.60
N GLU B 509 -5.52 39.67 -22.82
CA GLU B 509 -4.80 38.97 -23.89
C GLU B 509 -4.94 37.46 -23.79
N ASP B 510 -4.62 36.91 -22.61
CA ASP B 510 -4.80 35.48 -22.36
C ASP B 510 -6.21 35.03 -22.78
N ASP B 511 -7.21 35.80 -22.35
CA ASP B 511 -8.60 35.42 -22.57
C ASP B 511 -9.01 35.52 -24.02
N ALA B 512 -8.61 36.63 -24.67
CA ALA B 512 -8.82 36.82 -26.10
C ALA B 512 -8.22 35.66 -26.90
N GLN B 513 -7.01 35.25 -26.55
CA GLN B 513 -6.35 34.21 -27.29
C GLN B 513 -7.01 32.83 -27.23
N MET B 514 -7.89 32.63 -26.28
CA MET B 514 -8.72 31.42 -26.26
C MET B 514 -9.49 31.22 -27.55
N GLU B 515 -9.80 32.30 -28.28
CA GLU B 515 -10.41 32.13 -29.59
C GLU B 515 -9.59 31.30 -30.57
N LEU B 516 -8.27 31.25 -30.39
CA LEU B 516 -7.38 30.52 -31.30
C LEU B 516 -7.10 29.10 -30.83
N TYR B 517 -7.70 28.71 -29.70
CA TYR B 517 -7.54 27.37 -29.13
C TYR B 517 -8.21 26.32 -30.04
N LYS B 518 -7.46 25.32 -30.50
CA LYS B 518 -8.05 24.23 -31.31
C LYS B 518 -8.07 22.84 -30.65
N GLY B 519 -7.21 22.63 -29.65
CA GLY B 519 -6.99 21.30 -29.07
C GLY B 519 -6.15 20.42 -29.99
N TYR B 520 -5.64 19.32 -29.45
CA TYR B 520 -4.84 18.38 -30.25
C TYR B 520 -5.71 17.37 -30.96
N PHE B 521 -6.95 17.17 -30.52
CA PHE B 521 -7.83 16.16 -31.15
C PHE B 521 -9.00 16.71 -31.94
N GLY B 522 -9.47 17.90 -31.57
CA GLY B 522 -10.63 18.50 -32.23
C GLY B 522 -11.92 17.73 -32.04
N ASP B 523 -12.03 16.99 -30.94
CA ASP B 523 -13.26 16.26 -30.57
C ASP B 523 -14.14 17.11 -29.65
N ILE B 524 -15.29 16.59 -29.23
CA ILE B 524 -16.25 17.40 -28.45
C ILE B 524 -15.65 17.95 -27.16
N TRP B 525 -14.75 17.19 -26.56
CA TRP B 525 -14.04 17.61 -25.36
C TRP B 525 -13.18 18.87 -25.56
N ASP B 526 -12.50 18.95 -26.70
CA ASP B 526 -11.71 20.15 -27.05
C ASP B 526 -12.63 21.35 -27.34
N ILE B 527 -13.75 21.09 -27.98
CA ILE B 527 -14.71 22.14 -28.35
C ILE B 527 -15.38 22.73 -27.10
N ILE B 528 -15.81 21.86 -26.19
CA ILE B 528 -16.44 22.31 -24.94
C ILE B 528 -15.42 23.10 -24.11
N LEU B 529 -14.18 22.62 -24.01
CA LEU B 529 -13.16 23.28 -23.19
C LEU B 529 -12.78 24.67 -23.70
N LYS B 530 -12.70 24.84 -25.00
CA LYS B 530 -12.53 26.16 -25.62
C LYS B 530 -13.57 27.17 -25.12
N LYS B 531 -14.83 26.79 -25.25
CA LYS B 531 -15.94 27.62 -24.79
C LYS B 531 -15.97 27.83 -23.26
N ALA B 532 -15.76 26.75 -22.51
CA ALA B 532 -15.85 26.78 -21.05
C ALA B 532 -14.84 27.71 -20.38
N MET B 533 -13.67 27.87 -20.99
CA MET B 533 -12.57 28.63 -20.38
C MET B 533 -12.60 30.09 -20.76
N LYS B 534 -13.51 30.48 -21.64
CA LYS B 534 -13.70 31.88 -22.05
C LYS B 534 -14.29 32.70 -20.91
N ASN B 535 -14.21 34.02 -21.02
CA ASN B 535 -14.84 34.93 -20.08
C ASN B 535 -14.24 34.76 -18.68
N SER B 536 -12.92 34.72 -18.64
CA SER B 536 -12.21 34.40 -17.40
C SER B 536 -11.20 35.47 -16.96
N VAL B 537 -11.32 36.69 -17.46
CA VAL B 537 -10.35 37.73 -17.11
C VAL B 537 -10.38 37.99 -15.60
N GLY B 538 -9.22 37.99 -14.98
CA GLY B 538 -9.11 38.23 -13.53
C GLY B 538 -9.09 36.96 -12.70
N LEU B 539 -9.39 35.82 -13.33
CA LEU B 539 -9.46 34.56 -12.61
C LEU B 539 -8.08 34.00 -12.33
N PRO B 540 -7.92 33.31 -11.19
CA PRO B 540 -6.62 32.70 -10.88
C PRO B 540 -6.20 31.53 -11.77
N VAL B 541 -4.89 31.36 -11.94
CA VAL B 541 -4.28 30.25 -12.67
C VAL B 541 -3.06 29.74 -11.89
N ALA B 542 -2.96 28.42 -11.81
CA ALA B 542 -1.96 27.72 -11.04
C ALA B 542 -1.00 26.89 -11.89
N VAL B 543 0.03 26.38 -11.22
CA VAL B 543 0.87 25.29 -11.73
C VAL B 543 0.80 24.16 -10.74
N GLN B 544 1.23 22.99 -11.19
CA GLN B 544 1.26 21.77 -10.37
C GLN B 544 2.71 21.32 -10.06
N CYS B 545 2.89 20.85 -8.84
CA CYS B 545 4.20 20.53 -8.30
C CYS B 545 4.11 19.05 -7.92
N VAL B 546 5.02 18.22 -8.41
CA VAL B 546 5.01 16.81 -8.17
C VAL B 546 6.33 16.29 -7.61
N ALA B 547 6.28 15.32 -6.68
CA ALA B 547 7.50 14.59 -6.23
C ALA B 547 7.21 13.09 -6.24
N LEU B 548 8.20 12.29 -5.89
CA LEU B 548 8.07 10.84 -5.90
C LEU B 548 7.18 10.35 -4.75
N PRO B 549 6.70 9.10 -4.81
CA PRO B 549 5.91 8.62 -3.67
C PRO B 549 6.55 8.82 -2.32
N TRP B 550 5.71 9.14 -1.34
CA TRP B 550 6.16 9.43 0.06
C TRP B 550 7.02 10.68 0.22
N GLN B 551 7.15 11.50 -0.81
CA GLN B 551 7.96 12.74 -0.72
C GLN B 551 7.10 14.01 -0.63
N GLU B 552 6.08 13.97 0.22
CA GLU B 552 5.20 15.10 0.44
C GLU B 552 5.97 16.34 0.88
N GLU B 553 6.96 16.13 1.74
CA GLU B 553 7.72 17.21 2.31
C GLU B 553 8.52 17.93 1.23
N LEU B 554 9.06 17.16 0.28
CA LEU B 554 9.80 17.75 -0.85
C LEU B 554 8.83 18.46 -1.80
N CYS B 555 7.69 17.84 -2.06
CA CYS B 555 6.64 18.50 -2.80
C CYS B 555 6.31 19.87 -2.21
N LEU B 556 6.06 19.92 -0.88
CA LEU B 556 5.75 21.17 -0.18
C LEU B 556 6.90 22.18 -0.23
N ARG B 557 8.14 21.68 -0.14
CA ARG B 557 9.32 22.54 -0.23
C ARG B 557 9.35 23.23 -1.58
N PHE B 558 8.97 22.49 -2.62
CA PHE B 558 8.95 23.03 -3.99
C PHE B 558 7.74 24.00 -4.15
N MET B 559 6.57 23.63 -3.64
CA MET B 559 5.40 24.54 -3.65
C MET B 559 5.71 25.86 -2.93
N ARG B 560 6.41 25.76 -1.81
CA ARG B 560 6.80 26.94 -1.03
C ARG B 560 7.66 27.86 -1.89
N GLU B 561 8.59 27.27 -2.63
CA GLU B 561 9.47 28.01 -3.55
C GLU B 561 8.72 28.73 -4.65
N VAL B 562 7.82 28.01 -5.31
CA VAL B 562 6.98 28.57 -6.36
C VAL B 562 6.16 29.76 -5.80
N GLU B 563 5.51 29.57 -4.66
CA GLU B 563 4.72 30.61 -3.98
C GLU B 563 5.55 31.84 -3.66
N GLN B 564 6.76 31.62 -3.14
CA GLN B 564 7.64 32.70 -2.78
C GLN B 564 8.08 33.52 -4.01
N LEU B 565 8.37 32.83 -5.10
CA LEU B 565 8.84 33.48 -6.32
C LEU B 565 7.72 34.17 -7.09
N MET B 566 6.55 33.55 -7.14
CA MET B 566 5.46 34.06 -7.98
C MET B 566 4.52 34.99 -7.23
N THR B 567 4.34 34.77 -5.93
CA THR B 567 3.42 35.56 -5.10
C THR B 567 4.07 35.86 -3.74
N PRO B 568 5.09 36.69 -3.70
CA PRO B 568 5.95 36.83 -2.52
C PRO B 568 5.34 37.32 -1.21
N GLN B 569 4.19 37.95 -1.27
CA GLN B 569 3.59 38.44 -0.06
C GLN B 569 2.73 37.39 0.70
N LYS B 570 2.43 36.29 0.05
CA LYS B 570 1.84 35.16 0.72
C LYS B 570 2.94 34.67 1.65
N GLN B 571 4.17 34.95 1.26
CA GLN B 571 5.35 34.54 2.02
C GLN B 571 5.58 33.04 2.03
#